data_7EC5
#
_entry.id   7EC5
#
_cell.length_a   1.00
_cell.length_b   1.00
_cell.length_c   1.00
_cell.angle_alpha   90.00
_cell.angle_beta   90.00
_cell.angle_gamma   90.00
#
_symmetry.space_group_name_H-M   'P 1'
#
loop_
_entity.id
_entity.type
_entity.pdbx_description
1 polymer '8F12 Fab light chain'
2 polymer '8F12 Fab heavy chain'
3 polymer 'Capsid protein VP1'
4 polymer 'Capsid protein VP3'
5 polymer 'Genome polyprotein'
6 polymer 'Capsid protein VP4'
#
loop_
_entity_poly.entity_id
_entity_poly.type
_entity_poly.pdbx_seq_one_letter_code
_entity_poly.pdbx_strand_id
1 'polypeptide(L)'
;QIVLTQSPAAMSASPGEKVTMTCSASSSVIYMYWYQQKPGSSPRLLIYDTSNLASGVPVRFSGSGSGTSYSLTISRMEAE
DAATYYCQQWSSFPYTFGGGTKLEIKRADAAPTVSIFPPSSEQLTSGGASVVCFLNNFYPKDINVKWKIDGSERQNGVLN
SWTDQDSKDSTYSMSSTLTLTKDEYERHNSYTCEATHKTSTSPIVKSFNRNEC
;
F
2 'polypeptide(L)'
;QVQLQQPGTELVRPGASVKLSCKASGYSFTSYWMNWVKQRPGQGLEWIGMIHPSDSETRLNQRFKDKATLTVDKSSNTAY
MQLSSPTSEDSAVYYCAREGYDYDGFAYWGQGTLVTVSAAKTTPPSVYPLAPGCGDTTGSSVTLGCLVKGYFPESVTVTW
NSGSLSSSVHTFPALLQSGLYTMSSSVTVPSSTWPSQTVTCSVAHPASSTTVDKKL
;
E
3 'polypeptide(L)'
;IESIIKTATDTVKSEINAELGVVPSLNAVETGATSNTEPEEAIQTRTVINQHGVSETLVENFLSRAALVSKRSFEYKDHT
SSTARADKNFFKWTINTRSFVQLRRKLELFTYLRFDAEITILTTVAVNGSGNNTYVGLPDLTLQAMFVPTGALTPEKQDS
FHWQSGSNASVFFKISDPPARITIPFMCINSAYSVFYDGFAGFEKNGLYGINPADTIGNLCVRIVNEHQPVGFTVTVRVY
MKPKHIKAWAPRPPRTLPYMSIANANYKGKERAPNALSAIIGNRDSVKTMPHNIVNT
;
A
4 'polypeptide(L)'
;GVPTYLLPGSGQFLTTDDHSSAPALPCFNPTPEMHIPGQVRNMLEVVQVESMMEINNTESAVGMERLKVDISALTDVDQL
LFNIPLDIQLDGPLRNTLVGNISRYYTHWSGSLEMTFMFCGSFMAAGKLILCYTPPGGSCPTTRETAMLGTHIVWDFGLQ
SSVTLIIPWISGSHYRMFNNDAKSTNANVGYVTCFMQTNLIVPSESSDTCSLIGFIAAKDDFSLRLMRDSPDIGQLDHLH
AAEAAYQ
;
C
5 'polypeptide(L)'
;SPSAEACGYSDRVLQLKLGNSAIVTQEAANYCCAYGEWPNYLPDHEAVAIDKPTQPETATDRFYTLKSVKWETGSTGWWW
KLPDALNNIGMFGQNVQHHYLYRSGFLIHVQCNATKFHQGALLVVAIPEHQRGAHNTNTSPGFDDIMKGEEGGTFNHPYV
LDDGTSLACATIFPHQWINLRTNNSATIVLPWMNAAPMDFPLRHNQWTLAIIPVVPLGTRTTSSMVPITVSIAPMCCEFN
GLRHAITQ
;
B
6 'polypeptide(L)' GAQVTRQQTGTHENANIATNGSHITYNQINFYKDSYAASASKQDFSQDPSKFTEPVVEGLKAGAPVLK D
#
# COMPACT_ATOMS: atom_id res chain seq x y z
N GLN A 1 17.17 9.50 11.89
CA GLN A 1 17.70 9.20 13.22
C GLN A 1 17.11 10.14 14.27
N ILE A 2 16.00 9.73 14.87
CA ILE A 2 15.38 10.54 15.91
C ILE A 2 16.25 10.51 17.16
N VAL A 3 16.64 11.69 17.63
CA VAL A 3 17.48 11.83 18.82
C VAL A 3 16.58 11.90 20.04
N LEU A 4 16.74 10.95 20.95
CA LEU A 4 15.96 10.89 22.18
C LEU A 4 16.74 11.56 23.31
N THR A 5 16.18 12.61 23.87
CA THR A 5 16.78 13.34 24.98
C THR A 5 16.18 12.85 26.29
N GLN A 6 16.99 12.19 27.11
CA GLN A 6 16.55 11.64 28.38
C GLN A 6 16.95 12.61 29.49
N SER A 7 15.96 13.22 30.12
CA SER A 7 16.21 14.23 31.14
C SER A 7 15.44 13.94 32.42
N PRO A 8 16.05 14.22 33.58
CA PRO A 8 17.44 14.69 33.73
C PRO A 8 18.46 13.56 33.56
N ALA A 9 19.72 13.91 33.30
CA ALA A 9 20.76 12.91 33.14
C ALA A 9 21.07 12.17 34.43
N ALA A 10 20.75 12.76 35.59
CA ALA A 10 20.98 12.09 36.87
C ALA A 10 20.00 12.66 37.88
N MET A 11 19.76 11.89 38.93
CA MET A 11 18.87 12.31 40.01
C MET A 11 19.23 11.52 41.26
N SER A 12 18.82 12.04 42.41
CA SER A 12 18.98 11.34 43.68
C SER A 12 17.65 11.32 44.40
N ALA A 13 17.35 10.18 45.03
CA ALA A 13 16.07 10.01 45.71
C ALA A 13 16.24 9.07 46.89
N SER A 14 15.42 9.29 47.90
CA SER A 14 15.37 8.44 49.09
C SER A 14 14.39 7.29 48.88
N PRO A 15 14.55 6.20 49.63
CA PRO A 15 13.58 5.10 49.52
C PRO A 15 12.18 5.55 49.92
N GLY A 16 11.21 5.24 49.07
CA GLY A 16 9.85 5.66 49.28
C GLY A 16 9.44 6.92 48.54
N GLU A 17 10.41 7.73 48.12
CA GLU A 17 10.11 8.95 47.37
C GLU A 17 9.69 8.61 45.95
N LYS A 18 9.01 9.56 45.32
CA LYS A 18 8.59 9.41 43.93
C LYS A 18 9.63 10.01 43.00
N VAL A 19 10.08 9.20 42.04
CA VAL A 19 11.04 9.64 41.03
C VAL A 19 10.34 9.70 39.69
N THR A 20 10.68 10.70 38.88
CA THR A 20 10.05 10.90 37.58
C THR A 20 11.12 11.29 36.56
N MET A 21 11.07 10.65 35.39
CA MET A 21 12.02 10.90 34.32
C MET A 21 11.25 11.35 33.09
N THR A 22 11.95 11.98 32.15
CA THR A 22 11.34 12.48 30.93
C THR A 22 12.22 12.15 29.74
N CYS A 23 11.65 11.47 28.74
CA CYS A 23 12.34 11.15 27.50
C CYS A 23 11.80 12.03 26.38
N SER A 24 12.61 12.97 25.92
CA SER A 24 12.22 13.91 24.89
C SER A 24 12.73 13.42 23.55
N ALA A 25 11.89 13.56 22.51
CA ALA A 25 12.19 13.07 21.18
C ALA A 25 12.32 14.24 20.22
N SER A 26 13.27 14.12 19.28
CA SER A 26 13.44 15.15 18.25
C SER A 26 12.28 15.19 17.26
N SER A 27 11.38 14.21 17.31
CA SER A 27 10.20 14.19 16.47
C SER A 27 9.06 13.54 17.25
N SER A 28 7.95 13.27 16.58
CA SER A 28 6.81 12.64 17.22
C SER A 28 6.86 11.14 16.97
N VAL A 29 7.07 10.37 18.03
CA VAL A 29 7.02 8.91 17.93
C VAL A 29 5.63 8.45 18.35
N ILE A 30 5.45 7.14 18.44
CA ILE A 30 4.14 6.55 18.75
C ILE A 30 4.12 5.95 20.15
N TYR A 31 4.85 4.86 20.36
CA TYR A 31 4.97 4.25 21.68
C TYR A 31 6.39 4.42 22.19
N MET A 32 6.52 4.47 23.52
CA MET A 32 7.80 4.62 24.18
C MET A 32 8.08 3.40 25.04
N TYR A 33 9.34 2.96 25.03
CA TYR A 33 9.78 1.79 25.75
C TYR A 33 10.81 2.20 26.79
N TRP A 34 10.97 1.38 27.83
CA TRP A 34 11.82 1.74 28.94
C TRP A 34 12.59 0.51 29.43
N TYR A 35 13.81 0.74 29.88
CA TYR A 35 14.73 -0.33 30.25
C TYR A 35 15.37 -0.03 31.60
N GLN A 36 15.80 -1.10 32.27
CA GLN A 36 16.66 -1.01 33.42
C GLN A 36 17.89 -1.88 33.20
N GLN A 37 19.06 -1.30 33.43
CA GLN A 37 20.33 -2.04 33.36
C GLN A 37 21.04 -1.87 34.70
N LYS A 38 21.18 -2.98 35.42
CA LYS A 38 21.78 -2.99 36.76
C LYS A 38 23.25 -2.60 36.70
N PRO A 39 23.92 -2.47 37.85
CA PRO A 39 25.36 -2.18 37.82
C PRO A 39 26.19 -3.38 37.39
N GLY A 40 26.29 -3.59 36.08
CA GLY A 40 27.06 -4.70 35.55
C GLY A 40 26.26 -5.88 35.05
N SER A 41 24.95 -5.72 34.88
CA SER A 41 24.09 -6.78 34.37
C SER A 41 23.52 -6.36 33.02
N SER A 42 22.69 -7.23 32.45
CA SER A 42 22.07 -6.96 31.16
C SER A 42 20.80 -6.14 31.34
N PRO A 43 20.40 -5.39 30.31
CA PRO A 43 19.17 -4.60 30.40
C PRO A 43 17.94 -5.49 30.52
N ARG A 44 16.85 -4.88 30.95
CA ARG A 44 15.56 -5.55 31.09
C ARG A 44 14.45 -4.61 30.65
N LEU A 45 13.46 -5.16 29.96
CA LEU A 45 12.30 -4.38 29.55
C LEU A 45 11.32 -4.25 30.71
N LEU A 46 10.85 -3.02 30.94
CA LEU A 46 9.89 -2.75 32.01
C LEU A 46 8.57 -2.27 31.44
N ILE A 47 8.55 -1.11 30.78
CA ILE A 47 7.32 -0.55 30.22
C ILE A 47 7.40 -0.65 28.71
N TYR A 48 6.41 -1.31 28.10
CA TYR A 48 6.28 -1.35 26.66
C TYR A 48 4.96 -0.75 26.26
N ASP A 49 4.95 -0.07 25.11
CA ASP A 49 3.80 0.67 24.60
C ASP A 49 3.34 1.77 25.54
N THR A 50 4.23 2.22 26.41
CA THR A 50 3.99 3.32 27.36
C THR A 50 2.81 3.03 28.29
N SER A 51 2.44 1.76 28.43
CA SER A 51 1.34 1.40 29.31
C SER A 51 1.68 0.21 30.19
N ASN A 52 1.82 -0.96 29.55
CA ASN A 52 1.91 -2.22 30.26
C ASN A 52 3.27 -2.40 30.91
N LEU A 53 3.31 -3.30 31.89
CA LEU A 53 4.53 -3.68 32.59
C LEU A 53 4.92 -5.08 32.17
N ALA A 54 6.22 -5.31 31.99
CA ALA A 54 6.69 -6.62 31.59
C ALA A 54 6.74 -7.56 32.80
N SER A 55 7.22 -8.79 32.56
CA SER A 55 7.31 -9.77 33.62
C SER A 55 8.35 -9.34 34.66
N GLY A 56 8.10 -9.72 35.91
CA GLY A 56 9.00 -9.38 36.99
C GLY A 56 9.05 -7.92 37.35
N VAL A 57 8.17 -7.10 36.81
CA VAL A 57 8.15 -5.66 37.06
C VAL A 57 7.06 -5.36 38.07
N PRO A 58 7.38 -4.80 39.23
CA PRO A 58 6.35 -4.51 40.23
C PRO A 58 5.41 -3.42 39.75
N VAL A 59 4.26 -3.33 40.42
CA VAL A 59 3.24 -2.35 40.07
C VAL A 59 3.71 -0.93 40.39
N ARG A 60 4.78 -0.80 41.18
CA ARG A 60 5.30 0.52 41.52
C ARG A 60 5.72 1.29 40.28
N PHE A 61 6.22 0.59 39.25
CA PHE A 61 6.59 1.24 38.02
C PHE A 61 5.35 1.66 37.23
N SER A 62 5.49 2.75 36.49
CA SER A 62 4.41 3.25 35.66
C SER A 62 5.00 4.11 34.55
N GLY A 63 4.19 4.33 33.52
CA GLY A 63 4.60 5.18 32.42
C GLY A 63 3.40 5.82 31.76
N SER A 64 3.65 6.95 31.10
CA SER A 64 2.59 7.71 30.45
C SER A 64 3.24 8.65 29.45
N GLY A 65 2.46 9.54 28.87
CA GLY A 65 2.94 10.48 27.90
C GLY A 65 2.50 10.14 26.48
N SER A 66 2.48 11.16 25.63
CA SER A 66 2.07 11.01 24.25
C SER A 66 2.76 12.09 23.43
N GLY A 67 2.52 12.09 22.12
CA GLY A 67 3.17 13.06 21.27
C GLY A 67 4.66 12.85 21.24
N THR A 68 5.42 13.92 21.45
CA THR A 68 6.87 13.87 21.48
C THR A 68 7.43 13.76 22.89
N SER A 69 6.58 13.71 23.92
CA SER A 69 7.01 13.70 25.31
C SER A 69 6.48 12.46 26.01
N TYR A 70 7.39 11.70 26.61
CA TYR A 70 7.03 10.49 27.36
C TYR A 70 7.78 10.48 28.67
N SER A 71 7.15 9.92 29.71
CA SER A 71 7.69 9.98 31.04
C SER A 71 7.51 8.66 31.75
N LEU A 72 8.40 8.37 32.69
CA LEU A 72 8.32 7.18 33.55
C LEU A 72 8.08 7.64 34.99
N THR A 73 7.27 6.87 35.70
CA THR A 73 6.89 7.21 37.08
C THR A 73 7.03 6.00 37.98
N ILE A 74 7.72 6.19 39.11
CA ILE A 74 7.83 5.17 40.15
C ILE A 74 7.20 5.73 41.41
N SER A 75 6.15 5.06 41.89
CA SER A 75 5.40 5.57 43.04
C SER A 75 6.27 5.61 44.29
N ARG A 76 6.84 4.46 44.68
CA ARG A 76 7.63 4.35 45.90
C ARG A 76 9.00 3.81 45.54
N MET A 77 10.04 4.59 45.81
CA MET A 77 11.40 4.19 45.49
C MET A 77 11.92 3.17 46.50
N GLU A 78 12.75 2.25 46.02
CA GLU A 78 13.40 1.26 46.86
C GLU A 78 14.90 1.29 46.58
N ALA A 79 15.70 0.91 47.59
CA ALA A 79 17.15 0.99 47.46
C ALA A 79 17.68 0.05 46.40
N GLU A 80 16.96 -1.04 46.10
CA GLU A 80 17.41 -1.98 45.08
C GLU A 80 17.18 -1.47 43.67
N ASP A 81 16.50 -0.34 43.51
CA ASP A 81 16.10 0.14 42.20
C ASP A 81 17.14 1.03 41.54
N ALA A 82 18.32 1.20 42.13
CA ALA A 82 19.32 2.08 41.58
C ALA A 82 20.03 1.41 40.41
N ALA A 83 19.89 1.99 39.23
CA ALA A 83 20.50 1.46 38.01
C ALA A 83 20.34 2.50 36.92
N THR A 84 20.86 2.19 35.73
CA THR A 84 20.68 3.05 34.58
C THR A 84 19.31 2.82 33.94
N TYR A 85 18.80 3.85 33.29
CA TYR A 85 17.50 3.80 32.65
C TYR A 85 17.60 4.34 31.22
N TYR A 86 16.89 3.67 30.31
CA TYR A 86 16.95 4.00 28.89
C TYR A 86 15.54 4.09 28.32
N CYS A 87 15.39 4.81 27.21
CA CYS A 87 14.14 4.91 26.50
C CYS A 87 14.36 4.66 25.01
N GLN A 88 13.51 3.82 24.43
CA GLN A 88 13.64 3.37 23.05
C GLN A 88 12.41 3.80 22.26
N GLN A 89 12.60 3.99 20.96
CA GLN A 89 11.51 4.27 20.03
C GLN A 89 11.38 3.13 19.01
N TRP A 90 10.16 2.66 18.81
CA TRP A 90 9.91 1.66 17.79
C TRP A 90 9.48 2.26 16.45
N SER A 91 9.35 3.59 16.39
CA SER A 91 8.61 4.19 15.29
C SER A 91 9.37 4.17 13.97
N SER A 92 10.68 4.45 13.99
CA SER A 92 11.43 4.55 12.75
C SER A 92 12.82 3.97 12.93
N PHE A 93 13.43 3.63 11.80
CA PHE A 93 14.80 3.12 11.79
C PHE A 93 15.80 4.26 11.69
N PRO A 94 16.98 4.10 12.31
CA PRO A 94 17.36 2.98 13.19
C PRO A 94 16.75 3.12 14.58
N TYR A 95 16.69 2.04 15.34
CA TYR A 95 16.26 2.14 16.72
C TYR A 95 17.24 3.00 17.50
N THR A 96 16.71 4.04 18.16
CA THR A 96 17.54 4.97 18.92
C THR A 96 17.20 4.88 20.39
N PHE A 97 18.20 5.14 21.23
CA PHE A 97 18.10 4.98 22.67
C PHE A 97 18.37 6.30 23.37
N GLY A 98 17.90 6.40 24.62
CA GLY A 98 18.11 7.58 25.41
C GLY A 98 19.54 7.72 25.89
N GLY A 99 19.82 8.86 26.50
CA GLY A 99 21.15 9.13 27.00
C GLY A 99 21.52 8.38 28.26
N GLY A 100 20.54 7.89 29.00
CA GLY A 100 20.79 7.18 30.24
C GLY A 100 20.57 8.06 31.45
N THR A 101 20.13 7.43 32.54
CA THR A 101 19.88 8.14 33.79
C THR A 101 20.49 7.33 34.94
N LYS A 102 21.45 7.92 35.63
CA LYS A 102 22.11 7.29 36.76
C LYS A 102 21.61 7.89 38.07
N LEU A 103 21.35 7.04 39.06
CA LEU A 103 20.80 7.50 40.31
C LEU A 103 21.26 6.59 41.44
N GLU A 104 21.43 7.18 42.62
CA GLU A 104 21.87 6.46 43.81
C GLU A 104 20.97 6.84 44.98
N ILE A 105 21.09 6.08 46.06
CA ILE A 105 20.32 6.30 47.28
C ILE A 105 21.20 7.03 48.27
N LYS A 106 20.73 8.19 48.74
CA LYS A 106 21.47 8.98 49.72
C LYS A 106 21.10 8.57 51.14
N GLN B 1 11.89 -19.63 30.03
CA GLN B 1 12.15 -20.85 29.29
C GLN B 1 13.20 -20.61 28.20
N VAL B 2 13.15 -19.45 27.58
CA VAL B 2 14.07 -19.11 26.50
C VAL B 2 15.41 -18.72 27.10
N GLN B 3 16.49 -19.17 26.45
CA GLN B 3 17.85 -18.90 26.92
C GLN B 3 18.71 -18.51 25.73
N LEU B 4 19.28 -17.31 25.77
CA LEU B 4 20.20 -16.84 24.76
C LEU B 4 21.61 -16.95 25.31
N GLN B 5 22.40 -17.87 24.78
CA GLN B 5 23.74 -18.15 25.26
C GLN B 5 24.74 -17.43 24.37
N GLN B 6 25.51 -16.52 24.96
CA GLN B 6 26.49 -15.72 24.25
C GLN B 6 27.87 -15.95 24.85
N PRO B 7 28.93 -15.99 24.02
CA PRO B 7 30.27 -16.23 24.56
C PRO B 7 30.78 -15.10 25.43
N GLY B 8 31.98 -15.27 25.98
CA GLY B 8 32.58 -14.32 26.89
C GLY B 8 33.56 -13.38 26.20
N THR B 9 34.56 -12.95 26.95
CA THR B 9 35.55 -12.01 26.42
C THR B 9 36.36 -12.66 25.30
N GLU B 10 36.61 -11.88 24.24
CA GLU B 10 37.41 -12.34 23.11
C GLU B 10 38.38 -11.25 22.73
N LEU B 11 39.68 -11.55 22.80
CA LEU B 11 40.70 -10.61 22.40
C LEU B 11 40.82 -10.61 20.88
N VAL B 12 40.90 -9.41 20.29
CA VAL B 12 40.97 -9.29 18.83
C VAL B 12 42.21 -8.50 18.45
N ARG B 13 42.36 -8.21 17.16
CA ARG B 13 43.55 -7.59 16.61
C ARG B 13 43.15 -6.42 15.73
N PRO B 14 44.07 -5.49 15.46
CA PRO B 14 43.73 -4.31 14.67
C PRO B 14 43.55 -4.60 13.19
N GLY B 15 42.34 -5.00 12.80
CA GLY B 15 42.05 -5.36 11.44
C GLY B 15 41.82 -6.83 11.18
N ALA B 16 41.71 -7.65 12.21
CA ALA B 16 41.35 -9.06 12.05
C ALA B 16 39.84 -9.16 11.81
N SER B 17 39.32 -10.39 11.77
CA SER B 17 37.90 -10.64 11.56
C SER B 17 37.29 -11.13 12.86
N VAL B 18 36.38 -10.35 13.42
CA VAL B 18 35.72 -10.71 14.67
C VAL B 18 34.60 -11.69 14.37
N LYS B 19 34.54 -12.78 15.14
CA LYS B 19 33.53 -13.81 14.99
C LYS B 19 32.74 -13.89 16.29
N LEU B 20 31.46 -13.52 16.24
CA LEU B 20 30.58 -13.51 17.40
C LEU B 20 29.31 -14.28 17.08
N SER B 21 28.99 -15.27 17.90
CA SER B 21 27.78 -16.05 17.73
C SER B 21 26.73 -15.66 18.75
N CYS B 22 25.56 -16.26 18.61
CA CYS B 22 24.48 -16.14 19.57
C CYS B 22 23.67 -17.43 19.49
N LYS B 23 23.21 -17.91 20.64
CA LYS B 23 22.53 -19.20 20.72
C LYS B 23 21.06 -18.98 21.09
N ALA B 24 20.20 -19.86 20.63
CA ALA B 24 18.76 -19.76 20.84
C ALA B 24 18.19 -21.10 21.30
N SER B 25 17.26 -21.02 22.24
CA SER B 25 16.60 -22.21 22.76
C SER B 25 15.23 -21.82 23.32
N GLY B 26 14.33 -22.80 23.37
CA GLY B 26 13.01 -22.59 23.92
C GLY B 26 12.01 -21.95 22.98
N TYR B 27 12.40 -21.65 21.74
CA TYR B 27 11.48 -21.03 20.79
C TYR B 27 11.94 -21.36 19.38
N SER B 28 11.05 -21.14 18.42
CA SER B 28 11.37 -21.40 17.02
C SER B 28 12.39 -20.37 16.53
N PHE B 29 13.50 -20.85 16.00
CA PHE B 29 14.61 -19.97 15.64
C PHE B 29 14.27 -19.10 14.44
N THR B 30 13.37 -19.56 13.58
CA THR B 30 13.02 -18.86 12.36
C THR B 30 11.79 -17.98 12.49
N SER B 31 11.16 -17.92 13.66
CA SER B 31 9.91 -17.19 13.82
C SER B 31 10.10 -15.73 14.22
N TYR B 32 11.30 -15.32 14.62
CA TYR B 32 11.50 -13.96 15.09
C TYR B 32 12.83 -13.43 14.57
N TRP B 33 13.13 -12.18 14.90
CA TRP B 33 14.34 -11.51 14.47
C TRP B 33 15.47 -11.76 15.46
N MET B 34 16.65 -11.22 15.16
CA MET B 34 17.78 -11.19 16.07
C MET B 34 18.42 -9.81 16.00
N ASN B 35 18.53 -9.14 17.15
CA ASN B 35 18.95 -7.76 17.20
C ASN B 35 20.23 -7.63 18.00
N TRP B 36 21.16 -6.82 17.50
CA TRP B 36 22.48 -6.65 18.10
C TRP B 36 22.65 -5.22 18.58
N VAL B 37 23.10 -5.07 19.83
CA VAL B 37 23.26 -3.78 20.47
C VAL B 37 24.65 -3.71 21.10
N LYS B 38 25.27 -2.53 20.99
CA LYS B 38 26.61 -2.32 21.53
C LYS B 38 26.55 -1.42 22.76
N GLN B 39 27.49 -1.64 23.68
CA GLN B 39 27.61 -0.83 24.90
C GLN B 39 29.07 -0.43 25.07
N ARG B 40 29.34 0.86 25.01
CA ARG B 40 30.65 1.35 25.36
C ARG B 40 30.71 1.64 26.86
N PRO B 41 31.89 1.55 27.47
CA PRO B 41 31.99 1.78 28.91
C PRO B 41 31.51 3.18 29.28
N GLY B 42 30.59 3.23 30.25
CA GLY B 42 30.00 4.48 30.69
C GLY B 42 29.34 5.27 29.57
N GLN B 43 28.68 4.56 28.64
CA GLN B 43 28.08 5.19 27.48
C GLN B 43 26.71 4.58 27.22
N GLY B 44 25.94 5.25 26.36
CA GLY B 44 24.63 4.76 26.01
C GLY B 44 24.68 3.64 24.98
N LEU B 45 23.56 2.92 24.88
CA LEU B 45 23.46 1.79 23.97
C LEU B 45 23.18 2.26 22.55
N GLU B 46 23.67 1.49 21.58
CA GLU B 46 23.45 1.76 20.16
C GLU B 46 23.07 0.47 19.45
N TRP B 47 22.18 0.59 18.47
CA TRP B 47 21.58 -0.55 17.79
C TRP B 47 22.26 -0.78 16.45
N ILE B 48 22.90 -1.94 16.29
CA ILE B 48 23.68 -2.23 15.09
C ILE B 48 22.78 -2.62 13.92
N GLY B 49 21.86 -3.54 14.14
CA GLY B 49 21.02 -4.01 13.06
C GLY B 49 20.34 -5.32 13.41
N MET B 50 19.57 -5.83 12.45
CA MET B 50 18.81 -7.05 12.61
C MET B 50 19.00 -7.96 11.41
N ILE B 51 18.61 -9.23 11.59
CA ILE B 51 18.58 -10.21 10.52
C ILE B 51 17.45 -11.20 10.82
N HIS B 52 16.76 -11.66 9.78
CA HIS B 52 15.65 -12.58 9.96
C HIS B 52 16.06 -13.95 9.46
N PRO B 53 16.12 -14.97 10.33
CA PRO B 53 16.71 -16.26 9.92
C PRO B 53 15.95 -16.99 8.83
N SER B 54 14.66 -16.69 8.63
CA SER B 54 13.85 -17.42 7.65
C SER B 54 14.47 -17.38 6.26
N ASP B 55 14.42 -16.20 5.62
CA ASP B 55 14.99 -16.00 4.30
C ASP B 55 16.39 -15.40 4.35
N SER B 56 16.97 -15.23 5.53
CA SER B 56 18.26 -14.58 5.71
C SER B 56 18.22 -13.14 5.23
N GLU B 57 17.15 -12.44 5.58
CA GLU B 57 17.00 -11.02 5.30
C GLU B 57 17.51 -10.20 6.48
N THR B 58 18.39 -9.26 6.20
CA THR B 58 18.97 -8.41 7.23
C THR B 58 18.62 -6.95 6.98
N ARG B 59 18.52 -6.19 8.06
CA ARG B 59 18.32 -4.75 7.98
C ARG B 59 19.21 -4.10 9.03
N LEU B 60 20.08 -3.20 8.60
CA LEU B 60 21.15 -2.68 9.44
C LEU B 60 21.03 -1.17 9.61
N ASN B 61 21.63 -0.67 10.67
CA ASN B 61 21.74 0.76 10.87
C ASN B 61 22.62 1.37 9.79
N GLN B 62 22.25 2.57 9.33
CA GLN B 62 22.94 3.23 8.23
C GLN B 62 24.44 3.36 8.46
N ARG B 63 24.85 3.69 9.68
CA ARG B 63 26.27 3.74 10.10
C ARG B 63 27.12 2.45 10.25
N PHE B 64 26.58 1.42 10.92
CA PHE B 64 27.26 0.15 11.10
C PHE B 64 27.00 -0.85 9.98
N LYS B 65 26.14 -0.51 9.02
CA LYS B 65 25.84 -1.43 7.92
C LYS B 65 27.10 -1.78 7.14
N ASP B 66 27.97 -0.80 6.92
CA ASP B 66 29.19 -1.04 6.16
C ASP B 66 30.27 -1.74 6.98
N LYS B 67 30.25 -1.57 8.31
CA LYS B 67 31.27 -2.16 9.18
C LYS B 67 30.85 -3.49 9.79
N ALA B 68 29.67 -4.00 9.45
CA ALA B 68 29.20 -5.25 10.05
C ALA B 68 28.32 -6.00 9.06
N THR B 69 28.38 -7.32 9.15
CA THR B 69 27.55 -8.22 8.35
C THR B 69 27.08 -9.36 9.24
N LEU B 70 25.85 -9.80 9.03
CA LEU B 70 25.22 -10.78 9.90
C LEU B 70 24.97 -12.08 9.16
N THR B 71 24.95 -13.18 9.90
CA THR B 71 24.78 -14.52 9.35
C THR B 71 24.01 -15.36 10.35
N VAL B 72 23.12 -16.21 9.82
CA VAL B 72 22.28 -17.07 10.65
C VAL B 72 22.44 -18.52 10.19
N ASP B 73 22.15 -19.43 11.13
CA ASP B 73 22.14 -20.86 10.84
C ASP B 73 20.89 -21.47 11.47
N LYS B 74 20.03 -22.05 10.64
CA LYS B 74 18.81 -22.66 11.16
C LYS B 74 19.06 -24.04 11.74
N SER B 75 20.04 -24.77 11.21
CA SER B 75 20.28 -26.14 11.67
C SER B 75 20.79 -26.16 13.10
N SER B 76 21.87 -25.43 13.37
CA SER B 76 22.45 -25.36 14.71
C SER B 76 21.78 -24.32 15.60
N ASN B 77 20.82 -23.57 15.05
CA ASN B 77 20.09 -22.55 15.80
C ASN B 77 21.03 -21.54 16.44
N THR B 78 22.01 -21.09 15.66
CA THR B 78 23.05 -20.19 16.14
C THR B 78 23.21 -19.05 15.16
N ALA B 79 22.96 -17.83 15.62
CA ALA B 79 23.13 -16.63 14.81
C ALA B 79 24.52 -16.07 14.98
N TYR B 80 25.10 -15.58 13.88
CA TYR B 80 26.48 -15.12 13.86
C TYR B 80 26.54 -13.62 13.66
N MET B 81 27.60 -13.02 14.22
CA MET B 81 27.85 -11.59 14.10
C MET B 81 29.32 -11.39 13.77
N GLN B 82 29.60 -10.68 12.67
CA GLN B 82 30.96 -10.48 12.20
C GLN B 82 31.23 -8.99 12.07
N LEU B 83 32.41 -8.56 12.52
CA LEU B 83 32.84 -7.17 12.40
C LEU B 83 34.12 -7.09 11.58
N SER B 84 34.39 -5.91 11.05
CA SER B 84 35.55 -5.68 10.22
C SER B 84 36.37 -4.52 10.78
N SER B 85 37.69 -4.65 10.68
CA SER B 85 38.65 -3.63 11.10
C SER B 85 38.45 -3.21 12.55
N PRO B 86 38.75 -4.08 13.51
CA PRO B 86 38.64 -3.67 14.92
C PRO B 86 39.61 -2.54 15.25
N THR B 87 39.10 -1.54 15.94
CA THR B 87 39.89 -0.38 16.34
C THR B 87 39.52 -0.02 17.77
N SER B 88 40.03 1.11 18.26
CA SER B 88 39.75 1.54 19.62
C SER B 88 38.27 1.82 19.84
N GLU B 89 37.56 2.23 18.78
CA GLU B 89 36.13 2.49 18.91
C GLU B 89 35.31 1.21 18.97
N ASP B 90 35.81 0.11 18.42
CA ASP B 90 35.06 -1.14 18.37
C ASP B 90 35.04 -1.89 19.69
N SER B 91 35.85 -1.48 20.67
CA SER B 91 35.78 -2.11 21.98
C SER B 91 34.47 -1.71 22.66
N ALA B 92 33.67 -2.71 23.01
CA ALA B 92 32.34 -2.47 23.55
C ALA B 92 31.79 -3.80 24.09
N VAL B 93 30.56 -3.76 24.57
CA VAL B 93 29.83 -4.93 25.01
C VAL B 93 28.65 -5.15 24.07
N TYR B 94 28.60 -6.33 23.46
CA TYR B 94 27.60 -6.63 22.44
C TYR B 94 26.56 -7.58 22.99
N TYR B 95 25.29 -7.26 22.74
CA TYR B 95 24.17 -8.07 23.18
C TYR B 95 23.36 -8.51 21.96
N CYS B 96 22.88 -9.75 21.96
CA CYS B 96 21.95 -10.23 20.96
C CYS B 96 20.58 -10.43 21.60
N ALA B 97 19.59 -9.69 21.09
CA ALA B 97 18.28 -9.65 21.73
C ALA B 97 17.21 -9.77 20.65
N ARG B 98 15.99 -10.05 21.11
CA ARG B 98 14.88 -10.41 20.24
C ARG B 98 13.58 -9.84 20.80
N GLU B 99 12.58 -9.71 19.95
CA GLU B 99 11.29 -9.14 20.35
C GLU B 99 10.54 -10.07 21.31
N GLY B 100 9.69 -9.47 22.13
CA GLY B 100 8.81 -10.19 23.02
C GLY B 100 7.67 -10.90 22.30
N TYR B 101 7.05 -11.85 22.97
CA TYR B 101 6.16 -12.79 22.30
C TYR B 101 4.99 -12.08 21.63
N ASP B 102 4.40 -11.11 22.33
CA ASP B 102 3.59 -10.09 21.66
C ASP B 102 4.12 -8.66 21.81
N TYR B 103 4.90 -8.42 22.87
CA TYR B 103 5.49 -7.10 23.12
C TYR B 103 6.67 -6.75 22.21
N ASP B 104 6.87 -5.47 21.97
CA ASP B 104 8.03 -4.97 21.22
C ASP B 104 9.25 -4.72 22.11
N GLY B 105 10.29 -4.12 21.54
CA GLY B 105 11.42 -3.65 22.31
C GLY B 105 12.20 -4.65 23.15
N PHE B 106 12.67 -5.72 22.54
CA PHE B 106 13.83 -6.46 23.06
C PHE B 106 13.64 -6.99 24.47
N ALA B 107 12.45 -7.50 24.80
CA ALA B 107 12.21 -8.01 26.15
C ALA B 107 13.17 -9.13 26.55
N TYR B 108 13.59 -9.93 25.59
CA TYR B 108 14.60 -10.95 25.84
C TYR B 108 15.96 -10.44 25.38
N TRP B 109 16.92 -10.48 26.28
CA TRP B 109 18.27 -10.00 25.99
C TRP B 109 19.27 -11.15 26.06
N GLY B 110 20.53 -10.83 25.80
CA GLY B 110 21.62 -11.76 25.93
C GLY B 110 22.48 -11.46 27.15
N GLN B 111 23.45 -12.33 27.37
CA GLN B 111 24.39 -12.18 28.48
C GLN B 111 25.53 -11.22 28.17
N GLY B 112 25.76 -10.91 26.89
CA GLY B 112 26.77 -9.95 26.52
C GLY B 112 28.17 -10.54 26.40
N THR B 113 29.00 -9.92 25.57
CA THR B 113 30.40 -10.31 25.44
C THR B 113 31.24 -9.04 25.44
N LEU B 114 32.43 -9.11 26.04
CA LEU B 114 33.29 -7.94 26.15
C LEU B 114 34.42 -8.04 25.14
N VAL B 115 34.38 -7.18 24.12
CA VAL B 115 35.38 -7.17 23.07
C VAL B 115 36.53 -6.26 23.50
N THR B 116 37.75 -6.79 23.48
CA THR B 116 38.95 -6.04 23.85
C THR B 116 39.82 -5.91 22.61
N VAL B 117 39.97 -4.70 22.11
CA VAL B 117 40.82 -4.42 20.96
C VAL B 117 42.20 -4.00 21.46
N SER B 118 43.23 -4.69 20.99
CA SER B 118 44.60 -4.40 21.38
C SER B 118 45.49 -4.46 20.15
N ALA B 119 46.58 -3.70 20.19
CA ALA B 119 47.52 -3.65 19.08
C ALA B 119 48.96 -3.62 19.58
N ILE C 1 -12.03 10.10 -25.00
CA ILE C 1 -13.18 10.98 -25.13
C ILE C 1 -14.14 10.76 -23.97
N GLU C 2 -14.53 11.85 -23.32
CA GLU C 2 -15.48 11.80 -22.22
C GLU C 2 -16.90 11.79 -22.75
N SER C 3 -17.77 11.01 -22.13
CA SER C 3 -19.14 10.88 -22.55
C SER C 3 -20.01 10.51 -21.36
N ILE C 4 -21.32 10.69 -21.52
CA ILE C 4 -22.29 10.34 -20.49
C ILE C 4 -22.77 8.93 -20.78
N ILE C 5 -22.42 7.97 -19.92
CA ILE C 5 -22.79 6.58 -20.08
C ILE C 5 -23.71 6.21 -18.92
N LYS C 6 -25.01 6.06 -19.20
CA LYS C 6 -25.97 5.68 -18.18
C LYS C 6 -26.25 4.18 -18.14
N THR C 7 -25.83 3.43 -19.15
CA THR C 7 -26.13 2.00 -19.25
C THR C 7 -25.00 1.29 -19.97
N ALA C 8 -24.97 -0.03 -19.84
CA ALA C 8 -23.99 -0.83 -20.55
C ALA C 8 -24.22 -0.75 -22.06
N THR C 9 -23.15 -0.96 -22.81
CA THR C 9 -23.19 -0.76 -24.25
C THR C 9 -23.94 -1.89 -24.95
N ASP C 10 -24.55 -1.54 -26.08
CA ASP C 10 -25.29 -2.51 -26.87
C ASP C 10 -24.35 -3.35 -27.72
N THR C 11 -24.80 -4.55 -28.05
CA THR C 11 -24.06 -5.44 -28.94
C THR C 11 -24.73 -5.46 -30.31
N VAL C 12 -23.89 -5.46 -31.35
CA VAL C 12 -24.35 -5.47 -32.73
C VAL C 12 -24.02 -6.84 -33.32
N LYS C 13 -24.86 -7.28 -34.26
CA LYS C 13 -24.61 -8.53 -34.94
C LYS C 13 -23.49 -8.37 -35.96
N SER C 14 -22.67 -9.42 -36.09
CA SER C 14 -21.57 -9.45 -37.03
C SER C 14 -21.71 -10.68 -37.93
N GLU C 15 -21.19 -10.58 -39.14
CA GLU C 15 -21.26 -11.69 -40.08
C GLU C 15 -19.90 -12.36 -40.21
N ILE C 16 -19.80 -13.37 -41.07
CA ILE C 16 -18.54 -14.03 -41.34
C ILE C 16 -17.65 -13.10 -42.15
N ASN C 17 -16.43 -12.88 -41.67
CA ASN C 17 -15.49 -12.02 -42.37
C ASN C 17 -14.10 -12.65 -42.37
N ALA C 18 -13.53 -12.78 -43.57
CA ALA C 18 -12.14 -13.18 -43.74
C ALA C 18 -11.50 -12.15 -44.66
N GLU C 19 -10.56 -11.37 -44.14
CA GLU C 19 -9.98 -10.26 -44.89
C GLU C 19 -8.50 -10.16 -44.60
N LEU C 20 -7.72 -9.92 -45.65
CA LEU C 20 -6.28 -9.74 -45.48
C LEU C 20 -5.97 -8.37 -44.92
N GLY C 21 -4.93 -8.30 -44.09
CA GLY C 21 -4.47 -7.05 -43.53
C GLY C 21 -5.22 -6.58 -42.31
N VAL C 22 -6.38 -7.16 -42.02
CA VAL C 22 -7.18 -6.79 -40.85
C VAL C 22 -7.11 -7.93 -39.86
N VAL C 23 -6.58 -7.65 -38.67
CA VAL C 23 -6.43 -8.64 -37.62
C VAL C 23 -6.97 -8.08 -36.31
N PRO C 24 -8.30 -8.10 -36.12
CA PRO C 24 -8.88 -7.47 -34.93
C PRO C 24 -8.51 -8.15 -33.63
N SER C 25 -8.11 -9.42 -33.64
CA SER C 25 -7.79 -10.15 -32.42
C SER C 25 -6.35 -9.98 -31.98
N LEU C 26 -5.49 -9.40 -32.81
CA LEU C 26 -4.11 -9.15 -32.43
C LEU C 26 -3.99 -7.81 -31.73
N ASN C 27 -3.15 -7.76 -30.70
CA ASN C 27 -2.88 -6.52 -29.99
C ASN C 27 -1.42 -6.51 -29.55
N ALA C 28 -1.02 -5.41 -28.93
CA ALA C 28 0.31 -5.27 -28.35
C ALA C 28 0.14 -4.80 -26.91
N VAL C 29 0.49 -5.66 -25.94
CA VAL C 29 0.43 -5.26 -24.55
C VAL C 29 1.61 -4.37 -24.21
N GLU C 30 2.67 -4.42 -25.00
CA GLU C 30 3.84 -3.59 -24.75
C GLU C 30 3.49 -2.10 -24.76
N THR C 31 2.43 -1.72 -25.47
CA THR C 31 2.01 -0.32 -25.47
C THR C 31 1.46 0.11 -24.13
N GLY C 32 1.06 -0.84 -23.28
CA GLY C 32 0.39 -0.53 -22.05
C GLY C 32 -1.10 -0.29 -22.17
N ALA C 33 -1.60 -0.12 -23.39
CA ALA C 33 -3.03 0.07 -23.59
C ALA C 33 -3.76 -1.26 -23.54
N THR C 34 -5.00 -1.21 -23.06
CA THR C 34 -5.83 -2.41 -22.97
C THR C 34 -6.30 -2.83 -24.36
N SER C 35 -6.44 -4.14 -24.55
CA SER C 35 -6.90 -4.67 -25.82
C SER C 35 -8.25 -4.09 -26.21
N ASN C 36 -8.32 -3.54 -27.42
CA ASN C 36 -9.53 -2.93 -27.94
C ASN C 36 -10.38 -3.89 -28.76
N THR C 37 -10.01 -5.17 -28.82
CA THR C 37 -10.78 -6.16 -29.57
C THR C 37 -12.22 -6.21 -29.08
N GLU C 38 -13.17 -6.06 -30.01
CA GLU C 38 -14.59 -6.11 -29.71
C GLU C 38 -15.11 -7.54 -29.85
N PRO C 39 -16.16 -7.87 -29.08
CA PRO C 39 -16.78 -9.20 -29.26
C PRO C 39 -17.31 -9.42 -30.66
N GLU C 40 -17.80 -8.37 -31.31
CA GLU C 40 -18.27 -8.49 -32.69
C GLU C 40 -17.15 -8.95 -33.62
N GLU C 41 -15.92 -8.51 -33.35
CA GLU C 41 -14.79 -8.84 -34.20
C GLU C 41 -14.22 -10.22 -33.92
N ALA C 42 -14.30 -10.70 -32.68
CA ALA C 42 -13.70 -11.99 -32.34
C ALA C 42 -14.58 -13.15 -32.80
N ILE C 43 -15.88 -13.10 -32.50
CA ILE C 43 -16.80 -14.15 -32.91
C ILE C 43 -18.06 -13.52 -33.49
N GLN C 44 -19.02 -14.37 -33.81
CA GLN C 44 -20.23 -13.96 -34.51
C GLN C 44 -21.37 -13.78 -33.51
N THR C 45 -21.88 -12.56 -33.41
CA THR C 45 -22.82 -12.19 -32.36
C THR C 45 -24.19 -11.86 -32.94
N ARG C 46 -25.10 -11.53 -32.03
CA ARG C 46 -26.44 -11.09 -32.38
C ARG C 46 -26.70 -9.71 -31.80
N THR C 47 -27.70 -9.02 -32.33
CA THR C 47 -28.06 -7.71 -31.83
C THR C 47 -28.71 -7.84 -30.46
N VAL C 48 -28.15 -7.15 -29.47
CA VAL C 48 -28.64 -7.17 -28.11
C VAL C 48 -28.81 -5.74 -27.63
N ILE C 49 -29.95 -5.46 -26.99
CA ILE C 49 -30.19 -4.17 -26.36
C ILE C 49 -29.93 -4.36 -24.88
N ASN C 50 -28.83 -3.77 -24.39
CA ASN C 50 -28.40 -4.00 -23.01
C ASN C 50 -28.94 -2.86 -22.16
N GLN C 51 -29.89 -3.18 -21.29
CA GLN C 51 -30.52 -2.21 -20.42
C GLN C 51 -29.92 -2.16 -19.02
N HIS C 52 -28.87 -2.92 -18.76
CA HIS C 52 -28.27 -2.95 -17.44
C HIS C 52 -27.68 -1.59 -17.09
N GLY C 53 -27.96 -1.13 -15.88
CA GLY C 53 -27.51 0.17 -15.42
C GLY C 53 -26.12 0.13 -14.80
N VAL C 54 -25.40 1.24 -14.98
CA VAL C 54 -24.06 1.40 -14.42
C VAL C 54 -24.06 2.20 -13.13
N SER C 55 -25.23 2.59 -12.63
CA SER C 55 -25.33 3.59 -11.56
C SER C 55 -24.79 3.13 -10.22
N GLU C 56 -24.75 1.82 -9.96
CA GLU C 56 -24.36 1.35 -8.64
C GLU C 56 -22.85 1.25 -8.45
N THR C 57 -22.08 1.29 -9.53
CA THR C 57 -20.63 1.30 -9.44
C THR C 57 -20.03 2.69 -9.43
N LEU C 58 -20.87 3.73 -9.43
CA LEU C 58 -20.35 5.10 -9.34
C LEU C 58 -19.55 5.27 -8.06
N VAL C 59 -18.43 5.98 -8.17
CA VAL C 59 -17.56 6.20 -7.02
C VAL C 59 -18.31 6.88 -5.89
N GLU C 60 -19.29 7.73 -6.22
CA GLU C 60 -20.15 8.30 -5.20
C GLU C 60 -20.95 7.21 -4.49
N ASN C 61 -21.61 6.34 -5.26
CA ASN C 61 -22.35 5.23 -4.67
C ASN C 61 -21.40 4.21 -4.07
N PHE C 62 -20.27 3.95 -4.73
CA PHE C 62 -19.32 2.95 -4.23
C PHE C 62 -18.77 3.35 -2.87
N LEU C 63 -18.11 4.52 -2.78
CA LEU C 63 -17.37 4.86 -1.58
C LEU C 63 -18.25 5.35 -0.44
N SER C 64 -19.46 5.84 -0.71
CA SER C 64 -20.24 6.48 0.34
C SER C 64 -21.13 5.43 0.98
N ARG C 65 -20.75 5.03 2.19
CA ARG C 65 -21.50 4.14 3.07
C ARG C 65 -21.02 4.46 4.48
N ALA C 66 -21.86 4.21 5.47
CA ALA C 66 -21.45 4.40 6.85
C ALA C 66 -20.64 3.20 7.30
N ALA C 67 -19.37 3.44 7.65
CA ALA C 67 -18.49 2.41 8.15
C ALA C 67 -17.94 2.84 9.50
N LEU C 68 -17.57 1.86 10.31
CA LEU C 68 -17.13 2.15 11.67
C LEU C 68 -15.68 2.60 11.61
N VAL C 69 -15.44 3.86 11.98
CA VAL C 69 -14.08 4.38 12.06
C VAL C 69 -13.44 4.05 13.40
N SER C 70 -14.21 4.10 14.48
CA SER C 70 -13.67 3.92 15.82
C SER C 70 -14.71 3.32 16.74
N LYS C 71 -14.24 2.49 17.67
CA LYS C 71 -15.06 1.94 18.74
C LYS C 71 -14.26 2.00 20.02
N ARG C 72 -14.79 2.66 21.05
CA ARG C 72 -14.03 2.88 22.28
C ARG C 72 -14.89 2.74 23.53
N SER C 73 -14.49 1.83 24.40
CA SER C 73 -15.21 1.55 25.63
C SER C 73 -14.42 2.10 26.82
N PHE C 74 -15.15 2.53 27.86
CA PHE C 74 -14.49 3.02 29.06
C PHE C 74 -15.45 2.88 30.25
N GLU C 75 -14.87 2.87 31.44
CA GLU C 75 -15.66 2.74 32.66
C GLU C 75 -16.23 4.08 33.09
N TYR C 76 -17.42 4.03 33.68
CA TYR C 76 -18.08 5.20 34.23
C TYR C 76 -18.29 4.95 35.73
N LYS C 77 -17.53 5.67 36.56
CA LYS C 77 -17.51 5.46 38.00
C LYS C 77 -16.69 6.59 38.61
N ASP C 78 -16.48 6.52 39.92
CA ASP C 78 -15.56 7.43 40.60
C ASP C 78 -14.14 6.93 40.39
N HIS C 79 -13.31 7.75 39.74
CA HIS C 79 -11.98 7.35 39.31
C HIS C 79 -10.88 7.72 40.32
N THR C 80 -11.25 8.20 41.49
CA THR C 80 -10.26 8.55 42.50
C THR C 80 -9.38 7.37 42.91
N SER C 81 -9.75 6.15 42.52
CA SER C 81 -8.98 4.95 42.81
C SER C 81 -8.13 4.51 41.63
N SER C 82 -8.76 4.19 40.50
CA SER C 82 -8.06 3.62 39.36
C SER C 82 -6.97 4.55 38.85
N THR C 83 -5.94 3.95 38.25
CA THR C 83 -4.75 4.66 37.82
C THR C 83 -5.02 5.51 36.58
N ALA C 84 -3.98 6.17 36.08
CA ALA C 84 -4.12 7.10 34.98
C ALA C 84 -4.26 6.41 33.63
N ARG C 85 -3.81 5.17 33.50
CA ARG C 85 -3.93 4.47 32.21
C ARG C 85 -5.37 4.23 31.81
N ALA C 86 -6.27 4.08 32.79
CA ALA C 86 -7.69 3.94 32.50
C ALA C 86 -8.28 5.29 32.08
N ASP C 87 -9.42 5.24 31.40
CA ASP C 87 -10.11 6.44 30.97
C ASP C 87 -10.87 7.06 32.13
N LYS C 88 -10.85 8.39 32.22
CA LYS C 88 -11.45 9.09 33.36
C LYS C 88 -12.79 9.72 33.01
N ASN C 89 -13.54 8.99 32.21
CA ASN C 89 -14.88 9.33 31.72
C ASN C 89 -14.81 10.22 30.48
N PHE C 90 -13.62 10.59 30.06
CA PHE C 90 -13.43 11.20 28.74
C PHE C 90 -12.42 10.37 27.97
N PHE C 91 -12.43 10.51 26.65
CA PHE C 91 -11.38 9.95 25.81
C PHE C 91 -11.19 10.84 24.59
N LYS C 92 -9.94 10.95 24.16
CA LYS C 92 -9.58 11.71 22.97
C LYS C 92 -9.17 10.74 21.87
N TRP C 93 -9.81 10.88 20.72
CA TRP C 93 -9.42 10.12 19.55
C TRP C 93 -9.02 11.08 18.45
N THR C 94 -7.81 10.88 17.91
CA THR C 94 -7.43 11.50 16.65
C THR C 94 -8.15 10.79 15.52
N ILE C 95 -8.84 11.57 14.68
CA ILE C 95 -9.72 11.02 13.65
C ILE C 95 -8.85 10.47 12.53
N ASN C 96 -9.01 9.18 12.23
CA ASN C 96 -8.34 8.53 11.11
C ASN C 96 -9.24 7.48 10.50
N THR C 97 -9.00 7.18 9.23
CA THR C 97 -9.75 6.17 8.50
C THR C 97 -9.05 4.82 8.45
N ARG C 98 -7.93 4.70 9.15
CA ARG C 98 -7.07 3.54 9.01
C ARG C 98 -7.23 2.52 10.14
N SER C 99 -8.17 2.76 11.04
CA SER C 99 -8.30 1.86 12.20
C SER C 99 -8.95 0.53 11.82
N PHE C 100 -9.97 0.56 10.98
CA PHE C 100 -10.70 -0.64 10.59
C PHE C 100 -10.48 -0.90 9.10
N VAL C 101 -10.27 -2.17 8.75
CA VAL C 101 -9.73 -2.52 7.44
C VAL C 101 -10.79 -2.50 6.34
N GLN C 102 -12.07 -2.61 6.68
CA GLN C 102 -13.10 -2.59 5.64
C GLN C 102 -13.17 -1.23 4.97
N LEU C 103 -13.15 -0.15 5.75
CA LEU C 103 -13.15 1.17 5.17
C LEU C 103 -11.76 1.56 4.67
N ARG C 104 -10.71 1.07 5.33
CA ARG C 104 -9.35 1.45 4.97
C ARG C 104 -8.97 0.93 3.60
N ARG C 105 -9.10 -0.38 3.39
CA ARG C 105 -8.76 -0.97 2.09
C ARG C 105 -9.61 -0.39 0.97
N LYS C 106 -10.83 0.03 1.29
CA LYS C 106 -11.72 0.59 0.29
C LYS C 106 -11.35 2.02 -0.08
N LEU C 107 -10.84 2.80 0.87
CA LEU C 107 -10.40 4.15 0.57
C LEU C 107 -9.01 4.17 -0.05
N GLU C 108 -8.23 3.10 0.11
CA GLU C 108 -6.89 3.02 -0.47
C GLU C 108 -6.92 2.56 -1.92
N LEU C 109 -8.09 2.35 -2.50
CA LEU C 109 -8.18 2.09 -3.93
C LEU C 109 -7.88 3.31 -4.77
N PHE C 110 -7.74 4.48 -4.14
CA PHE C 110 -7.49 5.72 -4.86
C PHE C 110 -6.34 6.48 -4.22
N THR C 111 -5.64 7.27 -5.03
CA THR C 111 -4.50 8.03 -4.52
C THR C 111 -4.95 9.30 -3.82
N TYR C 112 -5.91 10.03 -4.38
CA TYR C 112 -6.40 11.26 -3.78
C TYR C 112 -7.92 11.21 -3.68
N LEU C 113 -8.45 11.88 -2.66
CA LEU C 113 -9.88 11.91 -2.40
C LEU C 113 -10.29 13.29 -1.90
N ARG C 114 -11.44 13.77 -2.38
CA ARG C 114 -12.06 15.00 -1.91
C ARG C 114 -13.49 14.67 -1.53
N PHE C 115 -13.81 14.78 -0.24
CA PHE C 115 -15.13 14.38 0.22
C PHE C 115 -15.45 15.08 1.53
N ASP C 116 -16.74 15.09 1.86
CA ASP C 116 -17.26 15.63 3.11
C ASP C 116 -17.55 14.49 4.06
N ALA C 117 -17.15 14.66 5.32
CA ALA C 117 -17.26 13.62 6.33
C ALA C 117 -18.56 13.79 7.10
N GLU C 118 -19.48 12.85 6.95
CA GLU C 118 -20.72 12.82 7.73
C GLU C 118 -20.54 11.84 8.87
N ILE C 119 -20.51 12.36 10.09
CA ILE C 119 -20.14 11.60 11.28
C ILE C 119 -21.39 11.24 12.06
N THR C 120 -21.39 10.05 12.65
CA THR C 120 -22.50 9.61 13.49
C THR C 120 -21.95 8.88 14.70
N ILE C 121 -22.43 9.25 15.87
CA ILE C 121 -21.97 8.69 17.14
C ILE C 121 -23.10 7.86 17.73
N LEU C 122 -22.83 6.58 17.97
CA LEU C 122 -23.79 5.66 18.56
C LEU C 122 -23.23 5.12 19.87
N THR C 123 -24.00 5.29 20.95
CA THR C 123 -23.53 4.97 22.29
C THR C 123 -24.38 3.87 22.90
N THR C 124 -23.73 2.97 23.63
CA THR C 124 -24.39 1.87 24.29
C THR C 124 -23.83 1.71 25.69
N VAL C 125 -24.72 1.68 26.68
CA VAL C 125 -24.33 1.62 28.09
C VAL C 125 -24.69 0.26 28.65
N ALA C 126 -23.85 -0.21 29.58
CA ALA C 126 -24.09 -1.46 30.29
C ALA C 126 -23.84 -1.23 31.77
N VAL C 127 -24.05 -2.29 32.56
CA VAL C 127 -23.95 -2.22 34.01
C VAL C 127 -22.93 -3.24 34.48
N ASN C 128 -21.97 -2.80 35.29
CA ASN C 128 -20.96 -3.68 35.82
C ASN C 128 -21.51 -4.49 37.00
N GLY C 129 -20.92 -5.65 37.22
CA GLY C 129 -21.32 -6.52 38.31
C GLY C 129 -20.67 -6.18 39.63
N THR C 134 -25.56 -7.23 40.97
CA THR C 134 -26.99 -7.19 40.70
C THR C 134 -27.32 -6.13 39.65
N TYR C 135 -28.37 -6.39 38.88
CA TYR C 135 -28.80 -5.44 37.85
C TYR C 135 -29.61 -4.30 38.48
N VAL C 136 -29.47 -3.12 37.89
CA VAL C 136 -30.19 -1.94 38.36
C VAL C 136 -31.03 -1.35 37.23
N GLY C 137 -30.39 -0.90 36.17
CA GLY C 137 -31.07 -0.34 35.04
C GLY C 137 -30.12 0.47 34.19
N LEU C 138 -30.60 0.83 33.00
CA LEU C 138 -29.77 1.61 32.08
C LEU C 138 -30.14 3.08 32.20
N PRO C 139 -29.25 3.92 32.75
CA PRO C 139 -29.57 5.33 32.88
C PRO C 139 -29.53 6.05 31.54
N ASP C 140 -30.14 7.23 31.51
CA ASP C 140 -30.12 8.09 30.32
C ASP C 140 -29.08 9.18 30.57
N LEU C 141 -27.99 9.11 29.83
CA LEU C 141 -26.85 9.99 30.03
C LEU C 141 -26.71 10.96 28.86
N THR C 142 -26.17 12.13 29.14
CA THR C 142 -25.90 13.15 28.14
C THR C 142 -24.40 13.17 27.87
N LEU C 143 -24.02 12.93 26.62
CA LEU C 143 -22.62 12.88 26.22
C LEU C 143 -22.29 14.06 25.33
N GLN C 144 -21.11 14.64 25.55
CA GLN C 144 -20.61 15.74 24.75
C GLN C 144 -19.50 15.23 23.82
N ALA C 145 -19.58 15.62 22.55
CA ALA C 145 -18.52 15.38 21.58
C ALA C 145 -18.05 16.72 21.05
N MET C 146 -16.83 17.11 21.41
CA MET C 146 -16.27 18.39 20.99
C MET C 146 -15.20 18.15 19.93
N PHE C 147 -15.29 18.91 18.84
CA PHE C 147 -14.37 18.76 17.71
C PHE C 147 -13.20 19.72 17.91
N VAL C 148 -12.02 19.16 18.16
CA VAL C 148 -10.81 19.91 18.44
C VAL C 148 -9.85 19.70 17.26
N PRO C 149 -9.44 20.76 16.56
CA PRO C 149 -8.46 20.59 15.49
C PRO C 149 -7.14 20.00 16.00
N THR C 150 -6.39 19.41 15.09
CA THR C 150 -5.14 18.74 15.44
C THR C 150 -4.15 19.74 16.02
N GLY C 151 -3.53 19.36 17.13
CA GLY C 151 -2.52 20.17 17.77
C GLY C 151 -3.01 21.13 18.83
N ALA C 152 -4.32 21.36 18.89
CA ALA C 152 -4.87 22.28 19.88
C ALA C 152 -4.84 21.63 21.26
N LEU C 153 -5.31 22.38 22.26
CA LEU C 153 -5.27 21.93 23.65
C LEU C 153 -6.59 21.26 23.99
N THR C 154 -6.54 19.96 24.23
CA THR C 154 -7.64 19.08 24.56
C THR C 154 -7.84 18.99 26.07
N PRO C 155 -9.06 18.70 26.52
CA PRO C 155 -9.32 18.65 27.97
C PRO C 155 -8.52 17.55 28.65
N GLU C 156 -8.02 17.85 29.84
CA GLU C 156 -7.33 16.89 30.68
C GLU C 156 -8.21 16.27 31.75
N LYS C 157 -9.45 16.73 31.91
CA LYS C 157 -10.34 16.23 32.94
C LYS C 157 -11.77 16.24 32.43
N GLN C 158 -12.62 15.44 33.08
CA GLN C 158 -14.05 15.49 32.81
C GLN C 158 -14.63 16.85 33.17
N ASP C 159 -14.24 17.37 34.33
CA ASP C 159 -14.77 18.62 34.86
C ASP C 159 -13.91 19.83 34.49
N SER C 160 -12.88 19.65 33.66
CA SER C 160 -12.03 20.76 33.28
C SER C 160 -12.81 21.82 32.52
N PHE C 161 -12.29 23.05 32.59
CA PHE C 161 -12.94 24.20 31.98
C PHE C 161 -12.68 24.29 30.48
N HIS C 162 -12.12 23.24 29.91
CA HIS C 162 -11.87 23.22 28.47
C HIS C 162 -13.11 22.85 27.66
N TRP C 163 -14.12 22.31 28.34
CA TRP C 163 -15.31 21.79 27.68
C TRP C 163 -16.36 22.87 27.40
N GLN C 164 -16.10 24.09 27.88
CA GLN C 164 -17.02 25.19 27.66
C GLN C 164 -17.21 25.51 26.18
N SER C 165 -16.15 25.33 25.40
CA SER C 165 -16.30 25.29 23.94
C SER C 165 -16.94 26.55 23.38
N GLY C 166 -16.37 27.70 23.74
CA GLY C 166 -16.85 28.96 23.18
C GLY C 166 -16.53 29.09 21.70
N SER C 167 -15.54 28.35 21.22
CA SER C 167 -15.09 28.39 19.83
C SER C 167 -15.18 27.03 19.17
N ASN C 168 -14.47 26.03 19.71
CA ASN C 168 -14.56 24.67 19.21
C ASN C 168 -16.01 24.21 19.10
N ALA C 169 -16.32 23.52 18.00
CA ALA C 169 -17.67 23.01 17.79
C ALA C 169 -17.91 21.79 18.69
N SER C 170 -19.07 21.79 19.35
CA SER C 170 -19.46 20.69 20.22
C SER C 170 -20.85 20.22 19.83
N VAL C 171 -21.23 19.05 20.34
CA VAL C 171 -22.56 18.50 20.14
C VAL C 171 -22.96 17.75 21.39
N PHE C 172 -24.23 17.87 21.76
CA PHE C 172 -24.79 17.20 22.93
C PHE C 172 -25.91 16.27 22.48
N PHE C 173 -25.96 15.11 23.12
CA PHE C 173 -26.95 14.10 22.75
C PHE C 173 -27.16 13.17 23.93
N LYS C 174 -28.28 12.45 23.89
CA LYS C 174 -28.66 11.54 24.96
C LYS C 174 -28.68 10.11 24.42
N ILE C 175 -28.56 9.16 25.35
CA ILE C 175 -28.56 7.76 24.97
C ILE C 175 -29.90 7.37 24.35
N SER C 176 -31.00 7.88 24.91
CA SER C 176 -32.32 7.54 24.41
C SER C 176 -32.60 8.21 23.07
N ASP C 177 -32.03 9.39 22.83
CA ASP C 177 -32.25 10.11 21.58
C ASP C 177 -31.64 9.34 20.42
N PRO C 178 -32.07 9.64 19.20
CA PRO C 178 -31.41 9.07 18.02
C PRO C 178 -29.94 9.44 17.98
N PRO C 179 -29.11 8.68 17.26
CA PRO C 179 -27.68 8.99 17.22
C PRO C 179 -27.41 10.37 16.66
N ALA C 180 -26.41 11.03 17.23
CA ALA C 180 -26.03 12.36 16.81
C ALA C 180 -25.28 12.31 15.49
N ARG C 181 -25.60 13.24 14.58
CA ARG C 181 -24.98 13.28 13.27
C ARG C 181 -24.63 14.71 12.92
N ILE C 182 -23.36 14.94 12.61
CA ILE C 182 -22.88 16.22 12.12
C ILE C 182 -22.15 16.00 10.80
N THR C 183 -22.03 17.06 10.01
CA THR C 183 -21.31 17.03 8.75
C THR C 183 -20.02 17.81 8.87
N ILE C 184 -18.90 17.10 8.79
CA ILE C 184 -17.58 17.72 8.78
C ILE C 184 -17.22 18.05 7.33
N PRO C 185 -16.84 19.28 7.02
CA PRO C 185 -16.52 19.63 5.62
C PRO C 185 -15.20 19.05 5.16
N PHE C 186 -14.74 19.46 3.99
CA PHE C 186 -13.43 19.08 3.49
C PHE C 186 -12.44 20.15 3.93
N MET C 187 -11.61 19.81 4.91
CA MET C 187 -10.71 20.78 5.53
C MET C 187 -9.26 20.69 5.06
N CYS C 188 -8.93 19.80 4.14
CA CYS C 188 -7.54 19.69 3.73
C CYS C 188 -7.06 21.01 3.15
N ILE C 189 -5.86 21.42 3.56
CA ILE C 189 -5.26 22.64 3.02
C ILE C 189 -4.95 22.51 1.55
N ASN C 190 -4.92 21.30 1.02
CA ASN C 190 -4.70 21.04 -0.39
C ASN C 190 -6.05 20.84 -1.09
N SER C 191 -6.00 20.53 -2.38
CA SER C 191 -7.21 20.32 -3.15
C SER C 191 -7.88 18.98 -2.86
N ALA C 192 -7.13 18.00 -2.36
CA ALA C 192 -7.73 16.74 -1.94
C ALA C 192 -6.87 16.13 -0.84
N TYR C 193 -7.34 15.03 -0.29
CA TYR C 193 -6.54 14.30 0.68
C TYR C 193 -5.51 13.42 -0.03
N SER C 194 -4.44 13.12 0.68
CA SER C 194 -3.47 12.12 0.22
C SER C 194 -3.71 10.85 1.03
N VAL C 195 -4.27 9.83 0.37
CA VAL C 195 -4.45 8.55 1.03
C VAL C 195 -3.09 7.91 1.29
N PHE C 196 -2.21 7.99 0.31
CA PHE C 196 -0.82 7.59 0.44
C PHE C 196 0.06 8.82 0.26
N TYR C 197 0.96 9.04 1.21
CA TYR C 197 1.85 10.19 1.17
C TYR C 197 3.28 9.68 1.12
N ASP C 198 3.95 9.87 -0.01
CA ASP C 198 5.35 9.46 -0.16
C ASP C 198 6.21 10.67 0.17
N GLY C 199 6.86 10.63 1.33
CA GLY C 199 7.68 11.73 1.76
C GLY C 199 7.59 11.88 3.27
N PHE C 200 8.21 12.95 3.76
CA PHE C 200 8.14 13.32 5.17
C PHE C 200 7.46 14.67 5.32
N ALA C 201 6.90 14.88 6.51
CA ALA C 201 6.22 16.15 6.80
C ALA C 201 7.20 17.25 7.17
N GLY C 202 8.20 16.93 8.00
CA GLY C 202 9.08 17.93 8.56
C GLY C 202 10.32 18.18 7.74
N PHE C 203 10.89 19.38 7.93
CA PHE C 203 12.12 19.73 7.22
C PHE C 203 13.33 18.99 7.78
N GLU C 204 13.30 18.61 9.05
CA GLU C 204 14.34 17.75 9.58
C GLU C 204 14.18 16.33 9.07
N LYS C 205 15.25 15.56 9.15
CA LYS C 205 15.29 14.20 8.66
C LYS C 205 14.74 13.18 9.66
N ASN C 206 14.26 13.64 10.81
CA ASN C 206 13.73 12.76 11.85
C ASN C 206 12.23 12.52 11.73
N GLY C 207 11.58 13.04 10.68
CA GLY C 207 10.15 12.94 10.54
C GLY C 207 9.66 11.52 10.35
N LEU C 208 8.34 11.39 10.29
CA LEU C 208 7.67 10.11 10.12
C LEU C 208 7.36 9.88 8.64
N TYR C 209 7.50 8.64 8.20
CA TYR C 209 7.23 8.31 6.80
C TYR C 209 5.77 7.95 6.61
N GLY C 210 5.12 8.64 5.67
CA GLY C 210 3.73 8.39 5.37
C GLY C 210 2.74 9.06 6.30
N ILE C 211 3.20 9.67 7.39
CA ILE C 211 2.32 10.39 8.30
C ILE C 211 2.29 11.84 7.86
N ASN C 212 1.14 12.27 7.34
CA ASN C 212 1.01 13.61 6.76
C ASN C 212 -0.01 14.43 7.54
N PRO C 213 0.40 15.51 8.20
CA PRO C 213 -0.58 16.51 8.64
C PRO C 213 -1.31 17.09 7.44
N ALA C 214 -2.45 17.71 7.71
CA ALA C 214 -3.46 18.22 6.78
C ALA C 214 -4.32 17.09 6.22
N ASP C 215 -3.93 15.83 6.38
CA ASP C 215 -4.79 14.70 6.08
C ASP C 215 -5.49 14.18 7.32
N THR C 216 -5.22 14.76 8.48
CA THR C 216 -5.88 14.40 9.74
C THR C 216 -7.05 15.36 9.95
N ILE C 217 -8.23 14.81 10.18
CA ILE C 217 -9.42 15.64 10.44
C ILE C 217 -9.22 16.43 11.72
N GLY C 218 -8.80 15.76 12.78
CA GLY C 218 -8.59 16.42 14.05
C GLY C 218 -8.84 15.45 15.19
N ASN C 219 -8.88 16.02 16.39
CA ASN C 219 -9.19 15.27 17.60
C ASN C 219 -10.68 15.36 17.91
N LEU C 220 -11.23 14.26 18.39
CA LEU C 220 -12.63 14.19 18.80
C LEU C 220 -12.66 13.83 20.28
N CYS C 221 -13.09 14.77 21.12
CA CYS C 221 -13.12 14.59 22.56
C CYS C 221 -14.55 14.28 22.99
N VAL C 222 -14.74 13.15 23.66
CA VAL C 222 -16.04 12.69 24.10
C VAL C 222 -15.99 12.47 25.61
N ARG C 223 -17.00 12.98 26.32
CA ARG C 223 -17.13 12.76 27.75
C ARG C 223 -18.56 12.41 28.08
N ILE C 224 -18.77 11.98 29.32
CA ILE C 224 -20.10 11.82 29.89
C ILE C 224 -20.34 13.02 30.81
N VAL C 225 -21.28 13.88 30.41
CA VAL C 225 -21.45 15.16 31.10
C VAL C 225 -21.98 14.94 32.51
N ASN C 226 -22.84 13.95 32.70
CA ASN C 226 -23.39 13.68 34.02
C ASN C 226 -22.30 13.27 35.00
N GLU C 227 -22.48 13.64 36.27
CA GLU C 227 -21.55 13.24 37.31
C GLU C 227 -21.63 11.73 37.54
N HIS C 228 -20.56 11.19 38.11
CA HIS C 228 -20.47 9.74 38.28
C HIS C 228 -21.54 9.23 39.24
N GLN C 229 -22.13 8.10 38.89
CA GLN C 229 -23.18 7.45 39.66
C GLN C 229 -22.60 6.59 40.77
N PRO C 230 -23.38 6.29 41.80
CA PRO C 230 -22.87 5.42 42.89
C PRO C 230 -22.47 4.03 42.43
N VAL C 231 -22.91 3.58 41.25
CA VAL C 231 -22.57 2.25 40.74
C VAL C 231 -21.83 2.41 39.43
N GLY C 232 -20.76 1.63 39.25
CA GLY C 232 -19.96 1.72 38.04
C GLY C 232 -20.70 1.16 36.84
N PHE C 233 -20.76 1.95 35.77
CA PHE C 233 -21.29 1.52 34.49
C PHE C 233 -20.15 1.31 33.50
N THR C 234 -20.51 0.89 32.29
CA THR C 234 -19.55 0.74 31.20
C THR C 234 -20.19 1.28 29.93
N VAL C 235 -19.55 2.28 29.34
CA VAL C 235 -20.07 2.97 28.17
C VAL C 235 -19.18 2.69 26.97
N THR C 236 -19.79 2.37 25.84
CA THR C 236 -19.08 2.06 24.60
C THR C 236 -19.57 3.00 23.51
N VAL C 237 -18.65 3.78 22.95
CA VAL C 237 -18.97 4.76 21.92
C VAL C 237 -18.46 4.26 20.57
N ARG C 238 -19.35 4.20 19.59
CA ARG C 238 -19.02 3.80 18.23
C ARG C 238 -19.27 4.98 17.30
N VAL C 239 -18.27 5.30 16.47
CA VAL C 239 -18.35 6.42 15.55
C VAL C 239 -18.36 5.88 14.13
N TYR C 240 -19.33 6.32 13.33
CA TYR C 240 -19.47 5.92 11.94
C TYR C 240 -19.30 7.15 11.06
N MET C 241 -18.57 6.99 9.95
CA MET C 241 -18.34 8.08 9.00
C MET C 241 -18.81 7.65 7.62
N LYS C 242 -19.61 8.51 6.99
CA LYS C 242 -20.04 8.30 5.61
C LYS C 242 -19.49 9.42 4.73
N PRO C 243 -18.57 9.13 3.81
CA PRO C 243 -18.13 10.15 2.87
C PRO C 243 -19.29 10.58 1.97
N LYS C 244 -19.20 11.80 1.45
CA LYS C 244 -20.17 12.28 0.48
C LYS C 244 -19.54 13.41 -0.31
N HIS C 245 -20.15 13.71 -1.45
CA HIS C 245 -19.63 14.71 -2.40
C HIS C 245 -18.23 14.34 -2.86
N ILE C 246 -18.08 13.09 -3.31
CA ILE C 246 -16.77 12.45 -3.45
C ILE C 246 -16.21 12.72 -4.84
N LYS C 247 -14.92 13.02 -4.90
CA LYS C 247 -14.14 13.00 -6.12
C LYS C 247 -12.89 12.17 -5.88
N ALA C 248 -12.55 11.32 -6.85
CA ALA C 248 -11.47 10.36 -6.67
C ALA C 248 -10.53 10.39 -7.86
N TRP C 249 -9.23 10.20 -7.59
CA TRP C 249 -8.21 10.27 -8.63
C TRP C 249 -7.24 9.11 -8.50
N ALA C 250 -6.66 8.73 -9.64
CA ALA C 250 -5.54 7.80 -9.75
C ALA C 250 -5.79 6.49 -8.99
N PRO C 251 -6.63 5.61 -9.52
CA PRO C 251 -6.90 4.34 -8.83
C PRO C 251 -5.62 3.52 -8.68
N ARG C 252 -5.58 2.73 -7.62
CA ARG C 252 -4.40 1.97 -7.24
C ARG C 252 -4.74 0.49 -7.18
N PRO C 253 -3.75 -0.38 -6.98
CA PRO C 253 -4.05 -1.79 -6.79
C PRO C 253 -4.64 -2.04 -5.42
N PRO C 254 -5.63 -2.94 -5.32
CA PRO C 254 -6.17 -3.29 -4.01
C PRO C 254 -5.14 -4.03 -3.18
N ARG C 255 -5.12 -3.72 -1.89
CA ARG C 255 -4.15 -4.38 -1.01
C ARG C 255 -4.54 -5.82 -0.78
N THR C 256 -3.57 -6.73 -0.93
CA THR C 256 -3.81 -8.15 -0.73
C THR C 256 -3.54 -8.56 0.71
N LEU C 257 -2.29 -8.40 1.15
CA LEU C 257 -1.86 -8.89 2.44
C LEU C 257 -2.58 -8.13 3.57
N PRO C 258 -2.74 -8.78 4.73
CA PRO C 258 -3.39 -8.10 5.86
C PRO C 258 -2.60 -6.88 6.33
N TYR C 259 -3.32 -5.96 6.96
CA TYR C 259 -2.70 -4.80 7.57
C TYR C 259 -2.04 -5.17 8.90
N MET C 260 -1.04 -4.37 9.28
CA MET C 260 -0.36 -4.54 10.56
C MET C 260 -0.59 -3.34 11.48
N SER C 261 -0.10 -2.17 11.09
CA SER C 261 -0.23 -0.96 11.88
C SER C 261 -1.00 0.09 11.09
N ILE C 262 -1.59 1.04 11.81
CA ILE C 262 -2.29 2.12 11.15
C ILE C 262 -1.33 3.22 10.71
N ALA C 263 -0.11 3.23 11.26
CA ALA C 263 0.81 4.33 10.98
C ALA C 263 1.52 4.16 9.65
N ASN C 264 1.57 2.95 9.13
CA ASN C 264 2.38 2.67 7.95
C ASN C 264 1.73 1.56 7.13
N ALA C 265 2.36 1.25 6.00
CA ALA C 265 1.87 0.26 5.05
C ALA C 265 2.47 -1.12 5.26
N ASN C 266 3.25 -1.31 6.33
CA ASN C 266 4.02 -2.53 6.52
C ASN C 266 3.13 -3.76 6.39
N TYR C 267 3.66 -4.77 5.72
CA TYR C 267 2.95 -6.00 5.41
C TYR C 267 3.64 -7.18 6.08
N LYS C 268 2.87 -8.24 6.30
CA LYS C 268 3.42 -9.47 6.84
C LYS C 268 3.00 -10.66 5.97
N GLY C 269 1.71 -10.92 5.89
CA GLY C 269 1.21 -12.06 5.17
C GLY C 269 0.89 -13.22 6.09
N LYS C 270 -0.07 -14.03 5.69
CA LYS C 270 -0.47 -15.17 6.50
C LYS C 270 0.59 -16.27 6.45
N GLU C 271 0.35 -17.34 7.20
CA GLU C 271 1.30 -18.44 7.24
C GLU C 271 1.34 -19.20 5.93
N ARG C 272 0.21 -19.32 5.25
CA ARG C 272 0.14 -20.02 3.98
C ARG C 272 -1.00 -19.43 3.17
N ALA C 273 -0.97 -19.70 1.86
CA ALA C 273 -1.99 -19.21 0.93
C ALA C 273 -3.38 -19.65 1.35
N PRO C 274 -4.41 -18.84 1.04
CA PRO C 274 -4.37 -17.57 0.31
C PRO C 274 -3.84 -16.39 1.13
N ASN C 275 -3.47 -15.32 0.43
CA ASN C 275 -2.99 -14.07 1.04
C ASN C 275 -1.70 -14.29 1.82
N ALA C 276 -0.93 -15.31 1.46
CA ALA C 276 0.43 -15.44 1.93
C ALA C 276 1.35 -14.48 1.17
N LEU C 277 2.51 -14.22 1.75
CA LEU C 277 3.49 -13.35 1.09
C LEU C 277 3.87 -13.90 -0.29
N SER C 278 4.29 -15.15 -0.34
CA SER C 278 4.74 -15.76 -1.58
C SER C 278 3.59 -16.20 -2.48
N ALA C 279 2.41 -16.50 -1.91
CA ALA C 279 1.27 -16.94 -2.70
C ALA C 279 0.03 -16.17 -2.25
N ILE C 280 -0.52 -15.36 -3.15
CA ILE C 280 -1.76 -14.64 -2.85
C ILE C 280 -2.97 -15.55 -3.03
N ILE C 281 -3.03 -16.27 -4.15
CA ILE C 281 -4.13 -17.19 -4.44
C ILE C 281 -3.76 -18.58 -3.95
N GLY C 282 -4.75 -19.27 -3.38
CA GLY C 282 -4.53 -20.61 -2.88
C GLY C 282 -4.02 -21.55 -3.96
N ASN C 283 -3.28 -22.57 -3.50
CA ASN C 283 -2.57 -23.48 -4.40
C ASN C 283 -3.46 -24.63 -4.82
N ARG C 284 -3.30 -25.05 -6.07
CA ARG C 284 -3.91 -26.27 -6.59
C ARG C 284 -2.79 -27.25 -6.96
N ASP C 285 -3.19 -28.42 -7.47
CA ASP C 285 -2.22 -29.48 -7.73
C ASP C 285 -1.29 -29.12 -8.89
N SER C 286 -1.87 -28.78 -10.04
CA SER C 286 -1.08 -28.44 -11.21
C SER C 286 -1.90 -27.51 -12.10
N VAL C 287 -1.21 -26.84 -13.02
CA VAL C 287 -1.85 -25.91 -13.93
C VAL C 287 -2.91 -26.57 -14.80
N LYS C 288 -2.83 -27.90 -14.94
CA LYS C 288 -3.81 -28.65 -15.70
C LYS C 288 -4.98 -29.18 -14.87
N THR C 289 -4.93 -28.94 -13.56
CA THR C 289 -5.93 -29.47 -12.63
C THR C 289 -7.05 -28.46 -12.44
N MET C 290 -8.29 -28.94 -12.52
CA MET C 290 -9.46 -28.10 -12.32
C MET C 290 -10.15 -28.48 -11.02
N PRO C 291 -10.09 -27.63 -9.98
CA PRO C 291 -10.61 -28.06 -8.66
C PRO C 291 -12.11 -28.29 -8.64
N HIS C 292 -12.88 -27.44 -9.29
CA HIS C 292 -14.34 -27.56 -9.23
C HIS C 292 -14.93 -28.39 -10.36
N ASN C 293 -14.07 -28.94 -11.21
CA ASN C 293 -14.49 -29.64 -12.41
C ASN C 293 -15.69 -30.54 -12.14
N ILE C 294 -16.64 -30.53 -13.07
CA ILE C 294 -17.85 -31.33 -12.97
C ILE C 294 -17.51 -32.78 -13.28
N VAL C 295 -18.10 -33.70 -12.52
CA VAL C 295 -17.96 -35.13 -12.75
C VAL C 295 -19.33 -35.78 -12.66
N ASN C 296 -19.70 -36.53 -13.70
CA ASN C 296 -20.98 -37.24 -13.74
C ASN C 296 -20.79 -38.66 -14.25
N GLY D 1 -49.58 24.01 15.47
CA GLY D 1 -48.69 23.83 14.33
C GLY D 1 -49.15 22.75 13.37
N VAL D 2 -48.20 22.14 12.68
CA VAL D 2 -48.49 21.09 11.71
C VAL D 2 -48.68 19.76 12.44
N PRO D 3 -49.88 19.16 12.39
CA PRO D 3 -50.05 17.84 13.00
C PRO D 3 -49.33 16.78 12.19
N THR D 4 -48.60 15.91 12.89
CA THR D 4 -47.83 14.86 12.24
C THR D 4 -47.98 13.58 13.03
N TYR D 5 -47.39 12.50 12.51
CA TYR D 5 -47.30 11.24 13.22
C TYR D 5 -46.08 10.49 12.73
N LEU D 6 -45.48 9.72 13.63
CA LEU D 6 -44.27 8.98 13.31
C LEU D 6 -44.60 7.73 12.52
N LEU D 7 -43.64 7.29 11.71
CA LEU D 7 -43.76 6.09 10.91
C LEU D 7 -42.80 5.02 11.40
N PRO D 8 -43.09 3.74 11.14
CA PRO D 8 -42.12 2.70 11.46
C PRO D 8 -40.81 2.95 10.75
N GLY D 9 -39.72 2.84 11.51
CA GLY D 9 -38.43 3.24 11.01
C GLY D 9 -38.02 4.64 11.37
N SER D 10 -38.66 5.24 12.37
CA SER D 10 -38.27 6.57 12.82
C SER D 10 -37.21 6.46 13.91
N GLY D 11 -36.18 7.29 13.80
CA GLY D 11 -35.09 7.26 14.75
C GLY D 11 -34.03 6.23 14.47
N GLN D 12 -34.22 5.37 13.48
CA GLN D 12 -33.24 4.35 13.16
C GLN D 12 -32.04 4.97 12.45
N PHE D 13 -30.90 4.28 12.56
CA PHE D 13 -29.70 4.64 11.81
C PHE D 13 -29.44 3.56 10.78
N LEU D 14 -29.64 3.91 9.51
CA LEU D 14 -29.37 3.03 8.38
C LEU D 14 -28.07 3.49 7.74
N THR D 15 -27.11 2.57 7.61
CA THR D 15 -25.79 2.95 7.13
C THR D 15 -25.82 3.51 5.71
N THR D 16 -26.78 3.09 4.89
CA THR D 16 -26.85 3.49 3.49
C THR D 16 -27.78 4.68 3.26
N ASP D 17 -28.34 5.27 4.31
CA ASP D 17 -29.31 6.34 4.13
C ASP D 17 -28.67 7.55 3.46
N ASP D 18 -29.47 8.26 2.68
CA ASP D 18 -29.03 9.48 2.01
C ASP D 18 -29.83 10.64 2.59
N HIS D 19 -29.17 11.47 3.40
CA HIS D 19 -29.82 12.61 4.04
C HIS D 19 -28.80 13.71 4.26
N SER D 20 -29.31 14.92 4.47
CA SER D 20 -28.48 16.06 4.83
C SER D 20 -28.43 16.21 6.33
N SER D 21 -27.26 16.61 6.84
CA SER D 21 -27.02 16.69 8.28
C SER D 21 -26.42 18.04 8.64
N ALA D 22 -26.38 18.32 9.93
CA ALA D 22 -25.98 19.63 10.42
C ALA D 22 -24.51 19.88 10.18
N PRO D 23 -24.13 20.95 9.48
CA PRO D 23 -22.70 21.25 9.31
C PRO D 23 -22.06 21.64 10.62
N ALA D 24 -20.92 21.02 10.91
CA ALA D 24 -20.23 21.27 12.18
C ALA D 24 -19.52 22.61 12.17
N LEU D 25 -19.02 23.05 11.01
CA LEU D 25 -18.30 24.32 10.90
C LEU D 25 -19.09 25.27 10.02
N PRO D 26 -19.71 26.29 10.60
CA PRO D 26 -20.50 27.23 9.78
C PRO D 26 -19.60 28.15 8.96
N CYS D 27 -20.08 28.51 7.78
CA CYS D 27 -19.42 29.46 6.89
C CYS D 27 -18.00 29.03 6.53
N PHE D 28 -17.76 27.72 6.50
CA PHE D 28 -16.45 27.22 6.13
C PHE D 28 -16.32 27.17 4.60
N ASN D 29 -15.16 27.58 4.11
CA ASN D 29 -14.92 27.62 2.67
C ASN D 29 -13.86 26.60 2.31
N PRO D 30 -14.21 25.50 1.64
CA PRO D 30 -13.20 24.51 1.28
C PRO D 30 -12.18 25.04 0.30
N THR D 31 -11.05 24.36 0.24
CA THR D 31 -9.99 24.74 -0.68
C THR D 31 -10.49 24.66 -2.12
N PRO D 32 -10.13 25.62 -2.98
CA PRO D 32 -10.55 25.55 -4.39
C PRO D 32 -10.10 24.24 -5.04
N GLU D 33 -10.87 23.81 -6.02
CA GLU D 33 -10.52 22.60 -6.77
C GLU D 33 -9.40 22.90 -7.76
N MET D 34 -8.48 21.95 -7.86
CA MET D 34 -7.39 22.01 -8.83
C MET D 34 -7.49 20.78 -9.71
N HIS D 35 -7.23 20.96 -11.01
CA HIS D 35 -7.25 19.82 -11.92
C HIS D 35 -6.18 18.82 -11.53
N ILE D 36 -6.59 17.57 -11.34
CA ILE D 36 -5.67 16.48 -11.05
C ILE D 36 -5.88 15.39 -12.10
N PRO D 37 -4.82 14.77 -12.61
CA PRO D 37 -5.01 13.75 -13.65
C PRO D 37 -5.62 12.47 -13.11
N GLY D 38 -6.35 11.78 -13.99
CA GLY D 38 -6.84 10.45 -13.69
C GLY D 38 -7.99 10.38 -12.71
N GLN D 39 -9.03 11.17 -12.93
CA GLN D 39 -10.22 11.10 -12.11
C GLN D 39 -11.04 9.87 -12.48
N VAL D 40 -11.47 9.12 -11.47
CA VAL D 40 -12.36 7.98 -11.65
C VAL D 40 -13.71 8.37 -11.09
N ARG D 41 -14.66 8.61 -11.98
CA ARG D 41 -16.04 8.86 -11.59
C ARG D 41 -16.85 7.58 -11.40
N ASN D 42 -16.55 6.53 -12.18
CA ASN D 42 -17.30 5.28 -12.12
C ASN D 42 -16.32 4.13 -12.07
N MET D 43 -16.60 3.15 -11.19
CA MET D 43 -15.68 2.05 -10.96
C MET D 43 -15.58 1.10 -12.15
N LEU D 44 -16.53 1.15 -13.09
CA LEU D 44 -16.39 0.32 -14.28
C LEU D 44 -15.28 0.80 -15.20
N GLU D 45 -14.71 1.98 -14.93
CA GLU D 45 -13.53 2.40 -15.67
C GLU D 45 -12.32 1.56 -15.28
N VAL D 46 -12.27 1.12 -14.03
CA VAL D 46 -11.11 0.41 -13.52
C VAL D 46 -11.07 -1.02 -14.05
N VAL D 47 -12.22 -1.70 -14.03
CA VAL D 47 -12.27 -3.10 -14.43
C VAL D 47 -11.99 -3.32 -15.91
N GLN D 48 -12.02 -2.27 -16.72
CA GLN D 48 -11.76 -2.37 -18.14
C GLN D 48 -10.28 -2.33 -18.48
N VAL D 49 -9.41 -2.22 -17.48
CA VAL D 49 -7.98 -2.21 -17.67
C VAL D 49 -7.46 -3.62 -17.44
N GLU D 50 -6.74 -4.16 -18.42
CA GLU D 50 -6.26 -5.53 -18.33
C GLU D 50 -5.24 -5.67 -17.21
N SER D 51 -5.34 -6.77 -16.47
CA SER D 51 -4.43 -7.02 -15.36
C SER D 51 -4.03 -8.49 -15.39
N MET D 52 -2.88 -8.78 -14.79
CA MET D 52 -2.24 -10.08 -14.94
C MET D 52 -2.97 -11.13 -14.10
N MET D 53 -3.45 -12.18 -14.78
CA MET D 53 -3.97 -13.34 -14.08
C MET D 53 -2.79 -14.14 -13.52
N GLU D 54 -3.03 -14.81 -12.39
CA GLU D 54 -2.03 -15.72 -11.84
C GLU D 54 -2.51 -17.13 -12.17
N ILE D 55 -1.95 -17.69 -13.23
CA ILE D 55 -2.34 -19.03 -13.69
C ILE D 55 -1.56 -20.12 -12.99
N ASN D 56 -0.31 -19.83 -12.60
CA ASN D 56 0.63 -20.84 -12.14
C ASN D 56 0.44 -21.19 -10.68
N ASN D 57 -0.60 -20.68 -10.03
CA ASN D 57 -0.83 -20.96 -8.63
C ASN D 57 -0.86 -22.46 -8.38
N THR D 58 0.06 -22.92 -7.53
CA THR D 58 0.47 -24.30 -7.35
C THR D 58 1.51 -24.35 -6.24
N GLU D 59 1.95 -25.55 -5.87
CA GLU D 59 3.14 -25.63 -5.04
C GLU D 59 4.39 -25.48 -5.91
N SER D 60 5.54 -25.44 -5.26
CA SER D 60 6.84 -25.31 -5.92
C SER D 60 6.92 -24.05 -6.78
N ALA D 61 6.10 -23.05 -6.50
CA ALA D 61 6.14 -21.77 -7.19
C ALA D 61 6.07 -20.68 -6.13
N VAL D 62 7.11 -19.86 -6.03
CA VAL D 62 7.26 -18.89 -4.96
C VAL D 62 7.37 -17.52 -5.58
N GLY D 63 6.54 -16.59 -5.12
CA GLY D 63 6.67 -15.21 -5.55
C GLY D 63 6.24 -15.01 -6.99
N MET D 64 7.13 -14.38 -7.77
CA MET D 64 6.79 -13.96 -9.12
C MET D 64 6.75 -15.10 -10.11
N GLU D 65 7.20 -16.30 -9.72
CA GLU D 65 7.09 -17.45 -10.60
C GLU D 65 5.65 -17.81 -10.91
N ARG D 66 4.70 -17.21 -10.21
CA ARG D 66 3.29 -17.57 -10.29
C ARG D 66 2.53 -16.80 -11.35
N LEU D 67 3.14 -15.78 -11.95
CA LEU D 67 2.48 -14.92 -12.92
C LEU D 67 2.75 -15.32 -14.37
N LYS D 68 3.56 -16.34 -14.61
CA LYS D 68 3.86 -16.78 -15.97
C LYS D 68 3.61 -18.27 -16.10
N VAL D 69 3.38 -18.72 -17.32
CA VAL D 69 3.15 -20.13 -17.63
C VAL D 69 4.23 -20.60 -18.59
N ASP D 70 5.05 -21.53 -18.12
CA ASP D 70 6.17 -22.05 -18.91
C ASP D 70 5.66 -22.95 -20.03
N ILE D 71 6.12 -22.67 -21.25
CA ILE D 71 5.80 -23.48 -22.42
C ILE D 71 7.10 -24.07 -22.95
N SER D 72 7.07 -25.37 -23.25
CA SER D 72 8.27 -26.07 -23.69
C SER D 72 7.94 -26.87 -24.94
N ALA D 73 8.99 -27.32 -25.62
CA ALA D 73 8.82 -28.20 -26.77
C ALA D 73 8.30 -29.55 -26.32
N LEU D 74 7.49 -30.18 -27.15
CA LEU D 74 6.82 -31.42 -26.81
C LEU D 74 7.08 -32.46 -27.90
N THR D 75 7.18 -33.73 -27.48
CA THR D 75 7.42 -34.83 -28.38
C THR D 75 6.13 -35.50 -28.87
N ASP D 76 4.98 -35.06 -28.38
CA ASP D 76 3.69 -35.63 -28.78
C ASP D 76 2.79 -34.51 -29.26
N VAL D 77 2.07 -34.76 -30.36
CA VAL D 77 1.10 -33.79 -30.85
C VAL D 77 -0.13 -33.78 -29.97
N ASP D 78 -0.88 -32.67 -30.04
CA ASP D 78 -2.17 -32.52 -29.37
C ASP D 78 -2.02 -32.71 -27.86
N GLN D 79 -1.39 -31.72 -27.23
CA GLN D 79 -1.15 -31.74 -25.80
C GLN D 79 -1.81 -30.53 -25.14
N LEU D 80 -2.17 -30.69 -23.87
CA LEU D 80 -2.76 -29.61 -23.09
C LEU D 80 -1.67 -28.84 -22.35
N LEU D 81 -1.83 -27.52 -22.31
CA LEU D 81 -0.89 -26.65 -21.60
C LEU D 81 -1.40 -26.31 -20.20
N PHE D 82 -2.50 -25.57 -20.12
CA PHE D 82 -3.05 -25.15 -18.83
C PHE D 82 -4.55 -24.95 -18.99
N ASN D 83 -5.24 -24.93 -17.84
CA ASN D 83 -6.66 -24.61 -17.81
C ASN D 83 -6.95 -23.60 -16.70
N ILE D 84 -7.88 -22.71 -16.98
CA ILE D 84 -8.20 -21.59 -16.11
C ILE D 84 -9.65 -21.71 -15.65
N PRO D 85 -9.92 -21.87 -14.35
CA PRO D 85 -11.30 -21.75 -13.87
C PRO D 85 -11.77 -20.30 -13.96
N LEU D 86 -13.00 -20.12 -14.45
CA LEU D 86 -13.49 -18.82 -14.86
C LEU D 86 -14.31 -18.09 -13.80
N ASP D 87 -14.48 -18.66 -12.62
CA ASP D 87 -15.29 -17.99 -11.62
C ASP D 87 -14.52 -16.81 -11.04
N ILE D 88 -15.07 -15.61 -11.20
CA ILE D 88 -14.38 -14.40 -10.77
C ILE D 88 -14.41 -14.29 -9.25
N GLN D 89 -15.54 -14.62 -8.65
CA GLN D 89 -15.84 -14.33 -7.26
C GLN D 89 -15.48 -15.48 -6.34
N LEU D 90 -14.87 -16.53 -6.87
CA LEU D 90 -14.23 -17.55 -6.05
C LEU D 90 -12.75 -17.22 -5.85
N ASP D 91 -11.99 -18.18 -5.34
CA ASP D 91 -10.60 -17.99 -4.99
C ASP D 91 -9.66 -18.28 -6.16
N GLY D 92 -10.19 -18.53 -7.36
CA GLY D 92 -9.40 -18.92 -8.48
C GLY D 92 -8.47 -17.81 -8.95
N PRO D 93 -7.75 -18.08 -10.06
CA PRO D 93 -6.74 -17.14 -10.56
C PRO D 93 -7.26 -15.72 -10.77
N LEU D 94 -8.54 -15.57 -11.07
CA LEU D 94 -9.11 -14.26 -11.33
C LEU D 94 -9.30 -13.42 -10.07
N ARG D 95 -9.03 -14.00 -8.89
CA ARG D 95 -9.30 -13.31 -7.63
C ARG D 95 -8.54 -11.99 -7.53
N ASN D 96 -7.24 -12.01 -7.84
CA ASN D 96 -6.36 -10.90 -7.54
C ASN D 96 -6.28 -9.87 -8.67
N THR D 97 -7.03 -10.06 -9.75
CA THR D 97 -7.05 -9.10 -10.83
C THR D 97 -7.87 -7.87 -10.43
N LEU D 98 -7.64 -6.77 -11.16
CA LEU D 98 -8.47 -5.57 -10.99
C LEU D 98 -9.94 -5.90 -11.16
N VAL D 99 -10.28 -6.60 -12.24
CA VAL D 99 -11.67 -7.00 -12.45
C VAL D 99 -12.14 -7.98 -11.38
N GLY D 100 -11.21 -8.73 -10.79
CA GLY D 100 -11.57 -9.68 -9.76
C GLY D 100 -11.79 -9.07 -8.39
N ASN D 101 -11.00 -8.05 -8.05
CA ASN D 101 -11.13 -7.42 -6.73
C ASN D 101 -12.33 -6.49 -6.67
N ILE D 102 -12.56 -5.71 -7.74
CA ILE D 102 -13.72 -4.82 -7.75
C ILE D 102 -15.01 -5.63 -7.82
N SER D 103 -14.99 -6.79 -8.49
CA SER D 103 -16.20 -7.59 -8.62
C SER D 103 -16.54 -8.36 -7.34
N ARG D 104 -15.58 -8.57 -6.45
CA ARG D 104 -15.87 -9.23 -5.20
C ARG D 104 -16.48 -8.30 -4.16
N TYR D 105 -16.59 -7.01 -4.45
CA TYR D 105 -17.43 -6.12 -3.67
C TYR D 105 -18.90 -6.22 -4.04
N TYR D 106 -19.23 -6.86 -5.15
CA TYR D 106 -20.58 -6.90 -5.67
C TYR D 106 -21.07 -8.33 -5.78
N THR D 107 -22.38 -8.51 -5.59
CA THR D 107 -22.97 -9.83 -5.60
C THR D 107 -23.25 -10.34 -7.01
N HIS D 108 -23.75 -9.49 -7.91
CA HIS D 108 -24.13 -9.89 -9.26
C HIS D 108 -23.20 -9.23 -10.26
N TRP D 109 -22.95 -9.92 -11.37
CA TRP D 109 -22.09 -9.40 -12.42
C TRP D 109 -22.61 -9.87 -13.77
N SER D 110 -22.30 -9.08 -14.80
CA SER D 110 -22.80 -9.34 -16.14
C SER D 110 -21.81 -8.75 -17.14
N GLY D 111 -21.94 -9.20 -18.39
CA GLY D 111 -21.15 -8.66 -19.48
C GLY D 111 -20.05 -9.60 -19.92
N SER D 112 -19.47 -9.25 -21.07
CA SER D 112 -18.39 -10.04 -21.65
C SER D 112 -17.06 -9.76 -20.95
N LEU D 113 -16.17 -10.74 -21.01
CA LEU D 113 -14.81 -10.63 -20.52
C LEU D 113 -13.84 -10.92 -21.65
N GLU D 114 -12.58 -10.55 -21.44
CA GLU D 114 -11.55 -10.82 -22.42
C GLU D 114 -10.27 -11.24 -21.73
N MET D 115 -9.61 -12.25 -22.29
CA MET D 115 -8.27 -12.65 -21.88
C MET D 115 -7.27 -12.29 -22.97
N THR D 116 -6.06 -11.96 -22.54
CA THR D 116 -4.99 -11.61 -23.45
C THR D 116 -3.70 -12.25 -22.97
N PHE D 117 -3.01 -12.94 -23.87
CA PHE D 117 -1.76 -13.60 -23.55
C PHE D 117 -0.65 -12.98 -24.39
N MET D 118 0.46 -12.66 -23.73
CA MET D 118 1.62 -12.05 -24.37
C MET D 118 2.77 -13.04 -24.33
N PHE D 119 3.21 -13.47 -25.51
CA PHE D 119 4.29 -14.44 -25.58
C PHE D 119 5.63 -13.74 -25.40
N CYS D 120 6.36 -14.13 -24.35
CA CYS D 120 7.60 -13.48 -23.96
C CYS D 120 8.84 -14.20 -24.47
N GLY D 121 8.68 -15.25 -25.27
CA GLY D 121 9.82 -15.96 -25.81
C GLY D 121 10.64 -15.13 -26.77
N SER D 122 11.76 -15.70 -27.19
CA SER D 122 12.71 -14.99 -28.03
C SER D 122 12.13 -14.74 -29.42
N PHE D 123 12.73 -13.77 -30.13
CA PHE D 123 12.28 -13.41 -31.46
C PHE D 123 12.32 -14.58 -32.45
N MET D 124 13.25 -15.51 -32.26
CA MET D 124 13.37 -16.66 -33.13
C MET D 124 12.41 -17.80 -32.77
N ALA D 125 11.61 -17.62 -31.73
CA ALA D 125 10.67 -18.66 -31.31
C ALA D 125 9.41 -18.62 -32.18
N ALA D 126 8.99 -19.80 -32.64
CA ALA D 126 7.80 -19.95 -33.43
C ALA D 126 6.82 -20.88 -32.72
N GLY D 127 5.54 -20.76 -33.06
CA GLY D 127 4.55 -21.65 -32.50
C GLY D 127 3.15 -21.17 -32.84
N LYS D 128 2.20 -22.07 -32.64
CA LYS D 128 0.79 -21.77 -32.82
C LYS D 128 0.03 -22.32 -31.61
N LEU D 129 -0.89 -21.53 -31.09
CA LEU D 129 -1.69 -21.93 -29.93
C LEU D 129 -3.16 -21.82 -30.25
N ILE D 130 -3.97 -22.49 -29.43
CA ILE D 130 -5.42 -22.43 -29.52
C ILE D 130 -5.98 -22.19 -28.13
N LEU D 131 -6.79 -21.14 -27.99
CA LEU D 131 -7.34 -20.72 -26.70
C LEU D 131 -8.84 -21.01 -26.72
N CYS D 132 -9.26 -22.02 -25.97
CA CYS D 132 -10.62 -22.54 -26.06
C CYS D 132 -11.46 -22.10 -24.87
N TYR D 133 -12.72 -21.81 -25.13
CA TYR D 133 -13.70 -21.46 -24.09
C TYR D 133 -14.89 -22.40 -24.20
N THR D 134 -15.17 -23.12 -23.11
CA THR D 134 -16.26 -24.07 -23.09
C THR D 134 -17.35 -23.60 -22.14
N PRO D 135 -18.56 -23.34 -22.62
CA PRO D 135 -19.65 -22.95 -21.73
C PRO D 135 -19.95 -24.05 -20.72
N PRO D 136 -20.62 -23.74 -19.62
CA PRO D 136 -20.77 -24.70 -18.52
C PRO D 136 -21.64 -25.90 -18.85
N GLY D 137 -21.77 -26.81 -17.89
CA GLY D 137 -22.58 -28.00 -18.02
C GLY D 137 -21.79 -29.27 -18.26
N GLY D 138 -20.57 -29.17 -18.80
CA GLY D 138 -19.72 -30.31 -19.01
C GLY D 138 -18.53 -30.34 -18.07
N SER D 139 -17.76 -31.42 -18.19
CA SER D 139 -16.46 -31.52 -17.55
C SER D 139 -15.41 -30.77 -18.36
N CYS D 140 -14.34 -30.38 -17.70
CA CYS D 140 -13.24 -29.68 -18.36
C CYS D 140 -12.65 -30.55 -19.46
N PRO D 141 -12.66 -30.11 -20.72
CA PRO D 141 -12.14 -30.95 -21.80
C PRO D 141 -10.64 -31.16 -21.67
N THR D 142 -10.21 -32.41 -21.76
CA THR D 142 -8.80 -32.79 -21.69
C THR D 142 -8.18 -33.00 -23.06
N THR D 143 -8.96 -32.89 -24.13
CA THR D 143 -8.47 -33.10 -25.48
C THR D 143 -8.84 -31.91 -26.36
N ARG D 144 -8.09 -31.73 -27.44
CA ARG D 144 -8.30 -30.57 -28.29
C ARG D 144 -9.53 -30.74 -29.18
N GLU D 145 -9.77 -31.95 -29.68
CA GLU D 145 -10.93 -32.16 -30.53
C GLU D 145 -12.23 -32.00 -29.77
N THR D 146 -12.24 -32.21 -28.46
CA THR D 146 -13.41 -31.88 -27.64
C THR D 146 -13.46 -30.39 -27.32
N ALA D 147 -12.30 -29.75 -27.16
CA ALA D 147 -12.27 -28.35 -26.77
C ALA D 147 -12.51 -27.40 -27.94
N MET D 148 -12.10 -27.77 -29.15
CA MET D 148 -12.29 -26.85 -30.28
C MET D 148 -13.75 -26.71 -30.67
N LEU D 149 -14.65 -27.49 -30.09
CA LEU D 149 -16.07 -27.37 -30.38
C LEU D 149 -16.69 -26.11 -29.80
N GLY D 150 -15.98 -25.40 -28.92
CA GLY D 150 -16.45 -24.17 -28.34
C GLY D 150 -15.77 -22.95 -28.95
N THR D 151 -16.09 -21.79 -28.36
CA THR D 151 -15.46 -20.55 -28.77
C THR D 151 -13.95 -20.64 -28.59
N HIS D 152 -13.20 -20.35 -29.65
CA HIS D 152 -11.75 -20.40 -29.56
C HIS D 152 -11.13 -19.46 -30.58
N ILE D 153 -9.81 -19.38 -30.52
CA ILE D 153 -9.01 -18.61 -31.47
C ILE D 153 -7.69 -19.33 -31.64
N VAL D 154 -7.16 -19.32 -32.86
CA VAL D 154 -5.86 -19.93 -33.12
C VAL D 154 -4.81 -18.84 -33.32
N TRP D 155 -3.73 -18.92 -32.55
CA TRP D 155 -2.78 -17.82 -32.44
C TRP D 155 -1.39 -18.23 -32.92
N ASP D 156 -0.81 -17.41 -33.79
CA ASP D 156 0.52 -17.66 -34.33
C ASP D 156 1.47 -16.56 -33.90
N PHE D 157 2.62 -16.95 -33.36
CA PHE D 157 3.58 -15.98 -32.85
C PHE D 157 4.11 -15.13 -33.99
N GLY D 158 4.38 -13.87 -33.69
CA GLY D 158 4.82 -12.95 -34.73
C GLY D 158 5.11 -11.57 -34.17
N LEU D 159 5.09 -10.57 -35.05
CA LEU D 159 5.29 -9.19 -34.65
C LEU D 159 4.36 -8.82 -33.51
N GLN D 160 3.05 -8.85 -33.73
CA GLN D 160 2.14 -8.62 -32.61
C GLN D 160 2.33 -9.77 -31.63
N SER D 161 2.52 -9.45 -30.36
CA SER D 161 2.83 -10.47 -29.36
C SER D 161 1.61 -10.99 -28.62
N SER D 162 0.47 -10.32 -28.79
CA SER D 162 -0.68 -10.54 -27.93
C SER D 162 -1.91 -10.94 -28.73
N VAL D 163 -2.58 -11.98 -28.27
CA VAL D 163 -3.88 -12.36 -28.82
C VAL D 163 -4.95 -12.12 -27.77
N THR D 164 -6.12 -11.67 -28.21
CA THR D 164 -7.23 -11.40 -27.33
C THR D 164 -8.31 -12.45 -27.54
N LEU D 165 -8.65 -13.15 -26.46
CA LEU D 165 -9.74 -14.12 -26.47
C LEU D 165 -10.93 -13.48 -25.79
N ILE D 166 -11.93 -13.09 -26.58
CA ILE D 166 -13.18 -12.69 -26.02
C ILE D 166 -13.81 -13.91 -25.37
N ILE D 167 -14.30 -13.70 -24.16
CA ILE D 167 -15.25 -14.60 -23.53
C ILE D 167 -16.62 -13.94 -23.64
N PRO D 168 -17.52 -14.43 -24.49
CA PRO D 168 -18.82 -13.77 -24.65
C PRO D 168 -19.70 -14.00 -23.45
N TRP D 169 -20.76 -13.20 -23.37
CA TRP D 169 -21.74 -13.35 -22.29
C TRP D 169 -22.80 -14.33 -22.76
N ILE D 170 -22.81 -15.51 -22.15
CA ILE D 170 -23.75 -16.56 -22.47
C ILE D 170 -24.39 -17.00 -21.16
N SER D 171 -25.68 -16.74 -21.02
CA SER D 171 -26.38 -17.10 -19.80
C SER D 171 -27.87 -17.14 -20.10
N GLY D 172 -28.61 -17.85 -19.24
CA GLY D 172 -30.05 -17.80 -19.29
C GLY D 172 -30.64 -16.67 -18.48
N SER D 173 -29.81 -16.00 -17.69
CA SER D 173 -30.23 -14.91 -16.82
C SER D 173 -29.38 -13.69 -17.15
N HIS D 174 -29.84 -12.53 -16.67
CA HIS D 174 -29.12 -11.29 -16.89
C HIS D 174 -27.89 -11.16 -16.01
N TYR D 175 -27.79 -11.94 -14.94
CA TYR D 175 -26.67 -11.81 -14.01
C TYR D 175 -26.29 -13.19 -13.49
N ARG D 176 -25.10 -13.25 -12.89
CA ARG D 176 -24.66 -14.41 -12.13
C ARG D 176 -24.31 -14.00 -10.70
N MET D 177 -24.37 -14.97 -9.80
CA MET D 177 -24.25 -14.71 -8.37
C MET D 177 -22.94 -15.27 -7.84
N PHE D 178 -22.48 -14.72 -6.72
CA PHE D 178 -21.22 -15.12 -6.13
C PHE D 178 -21.33 -16.43 -5.34
N ASN D 179 -22.55 -16.88 -5.11
CA ASN D 179 -22.85 -17.83 -4.02
C ASN D 179 -21.97 -19.08 -4.00
N ASN D 180 -21.54 -19.46 -2.80
CA ASN D 180 -20.28 -20.19 -2.61
C ASN D 180 -20.28 -21.63 -3.13
N ASP D 181 -21.41 -22.06 -3.69
CA ASP D 181 -21.45 -23.28 -4.49
C ASP D 181 -20.90 -22.96 -5.87
N ALA D 182 -19.79 -23.61 -6.24
CA ALA D 182 -19.14 -23.34 -7.51
C ALA D 182 -19.86 -23.98 -8.69
N LYS D 183 -20.65 -25.02 -8.44
CA LYS D 183 -21.30 -25.80 -9.48
C LYS D 183 -22.73 -25.34 -9.74
N SER D 184 -23.19 -24.29 -9.08
CA SER D 184 -24.55 -23.80 -9.28
C SER D 184 -24.74 -23.31 -10.70
N THR D 185 -25.92 -23.58 -11.26
CA THR D 185 -26.24 -23.17 -12.62
C THR D 185 -26.26 -21.66 -12.80
N ASN D 186 -26.39 -20.90 -11.71
CA ASN D 186 -26.38 -19.45 -11.76
C ASN D 186 -25.00 -18.85 -11.55
N ALA D 187 -23.96 -19.68 -11.42
CA ALA D 187 -22.63 -19.21 -11.07
C ALA D 187 -21.60 -19.63 -12.10
N ASN D 188 -21.43 -20.95 -12.27
CA ASN D 188 -20.33 -21.49 -13.06
C ASN D 188 -20.33 -20.90 -14.47
N VAL D 189 -19.18 -20.35 -14.86
CA VAL D 189 -19.03 -19.68 -16.15
C VAL D 189 -18.48 -20.61 -17.22
N GLY D 190 -18.04 -21.80 -16.86
CA GLY D 190 -17.35 -22.67 -17.79
C GLY D 190 -15.86 -22.65 -17.62
N TYR D 191 -15.17 -23.12 -18.65
CA TYR D 191 -13.76 -23.45 -18.56
C TYR D 191 -12.98 -22.78 -19.69
N VAL D 192 -11.66 -22.69 -19.50
CA VAL D 192 -10.74 -22.21 -20.52
C VAL D 192 -9.55 -23.16 -20.57
N THR D 193 -9.34 -23.79 -21.72
CA THR D 193 -8.22 -24.68 -21.93
C THR D 193 -7.34 -24.16 -23.05
N CYS D 194 -6.04 -24.36 -22.92
CA CYS D 194 -5.07 -23.95 -23.93
C CYS D 194 -4.27 -25.16 -24.37
N PHE D 195 -4.23 -25.41 -25.67
CA PHE D 195 -3.55 -26.54 -26.25
C PHE D 195 -2.48 -26.05 -27.22
N MET D 196 -1.52 -26.93 -27.52
CA MET D 196 -0.55 -26.64 -28.57
C MET D 196 -1.21 -26.92 -29.91
N GLN D 197 -1.38 -25.89 -30.73
CA GLN D 197 -1.87 -26.11 -32.09
C GLN D 197 -0.87 -26.97 -32.87
N THR D 198 0.32 -26.44 -33.11
CA THR D 198 1.36 -27.22 -33.77
C THR D 198 2.42 -27.67 -32.78
N ASN D 199 3.32 -26.76 -32.39
CA ASN D 199 4.40 -27.06 -31.46
C ASN D 199 5.21 -25.77 -31.27
N LEU D 200 6.04 -25.76 -30.23
CA LEU D 200 6.96 -24.66 -29.95
C LEU D 200 8.34 -25.06 -30.45
N ILE D 201 8.78 -24.36 -31.49
CA ILE D 201 10.07 -24.67 -32.09
C ILE D 201 11.01 -23.50 -31.86
N VAL D 202 12.16 -23.80 -31.28
CA VAL D 202 13.17 -22.78 -30.99
C VAL D 202 14.54 -23.29 -31.44
N PRO D 203 15.43 -22.40 -31.88
CA PRO D 203 16.80 -22.84 -32.20
C PRO D 203 17.54 -23.27 -30.95
N SER D 204 18.65 -23.97 -31.18
CA SER D 204 19.48 -24.45 -30.08
C SER D 204 20.10 -23.31 -29.27
N GLU D 205 20.27 -22.13 -29.87
CA GLU D 205 20.83 -21.00 -29.15
C GLU D 205 19.81 -20.31 -28.26
N SER D 206 18.55 -20.25 -28.70
CA SER D 206 17.51 -19.64 -27.91
C SER D 206 17.11 -20.53 -26.74
N SER D 207 16.49 -19.93 -25.73
CA SER D 207 16.02 -20.68 -24.58
C SER D 207 14.81 -21.53 -24.97
N ASP D 208 14.84 -22.79 -24.54
CA ASP D 208 13.80 -23.73 -24.91
C ASP D 208 12.50 -23.55 -24.13
N THR D 209 12.57 -22.97 -22.93
CA THR D 209 11.39 -22.72 -22.10
C THR D 209 10.94 -21.28 -22.32
N CYS D 210 9.72 -21.11 -22.83
CA CYS D 210 9.14 -19.81 -23.06
C CYS D 210 7.89 -19.65 -22.20
N SER D 211 7.53 -18.41 -21.92
CA SER D 211 6.49 -18.10 -20.96
C SER D 211 5.38 -17.27 -21.60
N LEU D 212 4.18 -17.42 -21.05
CA LEU D 212 3.03 -16.62 -21.42
C LEU D 212 2.58 -15.84 -20.19
N ILE D 213 1.91 -14.72 -20.41
CA ILE D 213 1.38 -13.90 -19.33
C ILE D 213 -0.11 -13.73 -19.57
N GLY D 214 -0.92 -14.32 -18.69
CA GLY D 214 -2.36 -14.14 -18.80
C GLY D 214 -2.80 -12.77 -18.32
N PHE D 215 -3.60 -12.10 -19.14
CA PHE D 215 -4.26 -10.86 -18.75
C PHE D 215 -5.77 -11.07 -18.82
N ILE D 216 -6.51 -10.26 -18.07
CA ILE D 216 -7.95 -10.23 -18.18
C ILE D 216 -8.44 -8.81 -17.93
N ALA D 217 -9.44 -8.41 -18.70
CA ALA D 217 -10.11 -7.12 -18.52
C ALA D 217 -11.61 -7.33 -18.58
N ALA D 218 -12.37 -6.24 -18.59
CA ALA D 218 -13.81 -6.29 -18.81
C ALA D 218 -14.15 -5.35 -19.96
N LYS D 219 -15.13 -5.74 -20.76
CA LYS D 219 -15.56 -4.92 -21.87
C LYS D 219 -16.44 -3.79 -21.36
N ASP D 220 -16.99 -2.99 -22.26
CA ASP D 220 -17.86 -1.88 -21.89
C ASP D 220 -19.32 -2.30 -21.73
N ASP D 221 -19.64 -3.58 -21.93
CA ASP D 221 -20.95 -4.12 -21.61
C ASP D 221 -20.99 -4.73 -20.21
N PHE D 222 -19.89 -4.62 -19.46
CA PHE D 222 -19.77 -5.25 -18.15
C PHE D 222 -20.56 -4.46 -17.12
N SER D 223 -21.08 -5.17 -16.12
CA SER D 223 -21.97 -4.56 -15.14
C SER D 223 -21.84 -5.28 -13.81
N LEU D 224 -22.16 -4.55 -12.74
CA LEU D 224 -22.10 -5.07 -11.37
C LEU D 224 -23.30 -4.53 -10.60
N ARG D 225 -23.77 -5.32 -9.63
CA ARG D 225 -24.98 -4.95 -8.91
C ARG D 225 -24.93 -5.55 -7.51
N LEU D 226 -25.67 -4.91 -6.59
CA LEU D 226 -25.87 -5.37 -5.22
C LEU D 226 -24.54 -5.47 -4.47
N MET D 227 -23.98 -4.33 -4.10
CA MET D 227 -22.70 -4.29 -3.41
C MET D 227 -22.76 -5.05 -2.08
N ARG D 228 -21.62 -5.63 -1.71
CA ARG D 228 -21.47 -6.32 -0.43
C ARG D 228 -20.08 -6.01 0.12
N ASP D 229 -19.79 -6.55 1.30
CA ASP D 229 -18.46 -6.43 1.86
C ASP D 229 -17.49 -7.36 1.13
N SER D 230 -16.21 -7.04 1.22
CA SER D 230 -15.22 -7.86 0.53
C SER D 230 -14.61 -8.88 1.48
N PRO D 231 -14.72 -10.17 1.18
CA PRO D 231 -14.04 -11.18 2.02
C PRO D 231 -12.52 -11.13 1.93
N ASP D 232 -11.97 -10.44 0.93
CA ASP D 232 -10.53 -10.43 0.70
C ASP D 232 -9.73 -9.79 1.83
N ILE D 233 -10.39 -9.13 2.78
CA ILE D 233 -9.69 -8.48 3.88
C ILE D 233 -10.50 -8.68 5.16
N GLY D 234 -9.80 -8.84 6.27
CA GLY D 234 -10.45 -9.02 7.56
C GLY D 234 -9.41 -9.01 8.66
N GLN D 235 -9.90 -8.73 9.87
CA GLN D 235 -9.04 -8.61 11.03
C GLN D 235 -9.67 -9.30 12.24
N LEU D 236 -8.87 -10.12 12.92
CA LEU D 236 -9.30 -10.74 14.17
C LEU D 236 -8.95 -9.92 15.40
N ASP D 237 -8.08 -8.92 15.26
CA ASP D 237 -7.59 -8.13 16.38
C ASP D 237 -7.51 -6.67 15.96
N HIS D 238 -7.32 -5.79 16.94
CA HIS D 238 -7.01 -4.39 16.66
C HIS D 238 -5.63 -4.26 16.03
N LEU D 239 -5.51 -3.36 15.07
CA LEU D 239 -4.23 -3.12 14.41
C LEU D 239 -3.25 -2.48 15.38
N HIS D 240 -1.98 -2.54 15.01
CA HIS D 240 -0.92 -1.87 15.75
C HIS D 240 -1.09 -0.35 15.73
N ALA D 241 -0.79 0.27 16.85
CA ALA D 241 -0.85 1.72 17.02
C ALA D 241 -2.28 2.26 17.05
N ALA D 242 -3.29 1.41 16.86
CA ALA D 242 -4.67 1.86 16.97
C ALA D 242 -5.01 2.36 18.37
N GLU D 243 -4.39 1.78 19.40
CA GLU D 243 -4.57 2.25 20.76
C GLU D 243 -3.89 3.60 21.00
N ALA D 244 -2.82 3.89 20.27
CA ALA D 244 -2.10 5.15 20.42
C ALA D 244 -2.92 6.37 20.00
N ALA D 245 -3.88 6.21 19.10
CA ALA D 245 -4.76 7.31 18.74
C ALA D 245 -5.68 7.72 19.87
N TYR D 246 -5.85 6.87 20.87
CA TYR D 246 -6.65 7.21 22.04
C TYR D 246 -5.82 7.83 23.17
N GLN D 247 -4.52 7.98 22.94
CA GLN D 247 -3.65 8.64 23.90
C GLN D 247 -3.57 10.14 23.62
N SER E 10 5.42 2.65 -38.39
CA SER E 10 5.33 4.11 -38.27
C SER E 10 5.50 4.53 -36.81
N ASP E 11 4.86 3.79 -35.89
CA ASP E 11 5.02 4.00 -34.46
C ASP E 11 6.24 3.27 -33.91
N ARG E 12 7.01 2.60 -34.76
CA ARG E 12 8.20 1.86 -34.38
C ARG E 12 9.37 2.77 -34.04
N VAL E 13 9.85 3.55 -35.00
CA VAL E 13 10.92 4.50 -34.73
C VAL E 13 10.36 5.74 -34.04
N LEU E 14 11.16 6.31 -33.14
CA LEU E 14 10.74 7.48 -32.39
C LEU E 14 11.97 8.33 -32.07
N GLN E 15 11.82 9.64 -32.18
CA GLN E 15 12.83 10.57 -31.70
C GLN E 15 12.25 11.61 -30.75
N LEU E 16 12.97 11.88 -29.68
CA LEU E 16 12.56 12.85 -28.67
C LEU E 16 13.64 13.93 -28.60
N LYS E 17 13.30 15.13 -29.04
CA LYS E 17 14.20 16.29 -28.97
C LYS E 17 13.63 17.30 -27.99
N LEU E 18 14.26 17.42 -26.83
CA LEU E 18 13.95 18.52 -25.92
C LEU E 18 15.23 18.94 -25.21
N GLY E 19 15.50 20.24 -25.20
CA GLY E 19 16.74 20.75 -24.66
C GLY E 19 17.88 20.61 -25.64
N ASN E 20 19.10 20.42 -25.14
CA ASN E 20 20.26 20.17 -25.98
C ASN E 20 20.51 18.69 -26.17
N SER E 21 19.64 17.84 -25.66
CA SER E 21 19.77 16.39 -25.75
C SER E 21 18.68 15.83 -26.65
N ALA E 22 18.98 14.71 -27.31
CA ALA E 22 18.04 14.04 -28.17
C ALA E 22 18.25 12.54 -28.05
N ILE E 23 17.16 11.78 -28.13
CA ILE E 23 17.19 10.33 -28.05
C ILE E 23 16.40 9.77 -29.23
N VAL E 24 17.05 8.88 -29.99
CA VAL E 24 16.39 8.15 -31.06
C VAL E 24 16.26 6.69 -30.63
N THR E 25 15.17 6.06 -31.03
CA THR E 25 14.96 4.64 -30.79
C THR E 25 14.31 4.03 -32.02
N GLN E 26 14.84 2.90 -32.48
CA GLN E 26 14.33 2.24 -33.67
C GLN E 26 13.34 1.12 -33.34
N GLU E 27 13.14 0.80 -32.07
CA GLU E 27 12.07 -0.10 -31.64
C GLU E 27 11.38 0.54 -30.46
N ALA E 28 10.13 0.95 -30.65
CA ALA E 28 9.34 1.54 -29.59
C ALA E 28 7.86 1.33 -29.92
N ALA E 29 7.03 1.26 -28.89
CA ALA E 29 5.60 1.17 -29.08
C ALA E 29 4.93 2.41 -28.49
N ASN E 30 4.51 3.32 -29.36
CA ASN E 30 3.45 4.29 -29.09
C ASN E 30 3.54 4.87 -27.69
N TYR E 31 4.52 5.75 -27.43
CA TYR E 31 4.89 6.12 -26.07
C TYR E 31 3.68 6.53 -25.24
N CYS E 32 3.67 6.09 -23.98
CA CYS E 32 2.54 6.26 -23.09
C CYS E 32 2.51 7.68 -22.52
N CYS E 33 1.32 8.28 -22.54
CA CYS E 33 1.09 9.60 -21.97
C CYS E 33 0.14 9.41 -20.80
N ALA E 34 0.65 9.65 -19.59
CA ALA E 34 -0.08 9.26 -18.38
C ALA E 34 -1.41 9.98 -18.27
N TYR E 35 -2.48 9.21 -18.14
CA TYR E 35 -3.84 9.71 -17.94
C TYR E 35 -4.30 10.63 -19.05
N GLY E 36 -3.70 10.51 -20.23
CA GLY E 36 -3.98 11.43 -21.32
C GLY E 36 -3.55 12.86 -21.08
N GLU E 37 -2.86 13.14 -19.99
CA GLU E 37 -2.44 14.49 -19.64
C GLU E 37 -1.01 14.74 -20.10
N TRP E 38 -0.74 15.94 -20.59
CA TRP E 38 0.57 16.34 -21.06
C TRP E 38 1.10 17.46 -20.17
N PRO E 39 2.41 17.50 -19.90
CA PRO E 39 2.94 18.50 -18.98
C PRO E 39 2.73 19.92 -19.48
N ASN E 40 2.45 20.82 -18.54
CA ASN E 40 2.24 22.22 -18.85
C ASN E 40 2.58 23.06 -17.61
N TYR E 41 2.81 24.34 -17.84
CA TYR E 41 3.10 25.24 -16.73
C TYR E 41 1.84 25.54 -15.92
N LEU E 42 2.05 25.99 -14.70
CA LEU E 42 0.96 26.25 -13.78
C LEU E 42 0.16 27.46 -14.25
N PRO E 43 -1.14 27.33 -14.50
CA PRO E 43 -1.92 28.48 -14.96
C PRO E 43 -2.13 29.50 -13.86
N ASP E 44 -2.53 30.71 -14.28
CA ASP E 44 -2.66 31.85 -13.38
C ASP E 44 -3.76 31.68 -12.34
N HIS E 45 -4.78 30.87 -12.61
CA HIS E 45 -5.85 30.68 -11.64
C HIS E 45 -5.53 29.59 -10.60
N GLU E 46 -4.55 28.74 -10.87
CA GLU E 46 -4.13 27.72 -9.91
C GLU E 46 -2.92 28.11 -9.09
N ALA E 47 -2.38 29.31 -9.27
CA ALA E 47 -1.11 29.68 -8.66
C ALA E 47 -1.34 30.21 -7.24
N VAL E 48 -0.75 29.54 -6.26
CA VAL E 48 -0.80 29.97 -4.87
C VAL E 48 0.25 31.02 -4.57
N ALA E 49 1.48 30.84 -5.04
CA ALA E 49 2.60 31.71 -4.68
C ALA E 49 2.60 32.97 -5.54
N ILE E 50 2.77 34.12 -4.88
CA ILE E 50 2.68 35.39 -5.58
C ILE E 50 3.98 35.74 -6.31
N ASP E 51 5.12 35.28 -5.80
CA ASP E 51 6.40 35.67 -6.40
C ASP E 51 6.51 35.13 -7.82
N LYS E 52 7.24 35.86 -8.65
CA LYS E 52 7.40 35.48 -10.04
C LYS E 52 8.23 34.22 -10.13
N PRO E 53 7.68 33.13 -10.67
CA PRO E 53 8.47 31.90 -10.77
C PRO E 53 9.50 31.98 -11.87
N THR E 54 10.52 31.15 -11.74
CA THR E 54 11.57 31.03 -12.74
C THR E 54 11.32 29.79 -13.59
N GLN E 55 11.53 29.94 -14.90
CA GLN E 55 11.31 28.88 -15.87
C GLN E 55 12.61 28.70 -16.64
N PRO E 56 13.50 27.82 -16.18
CA PRO E 56 14.79 27.66 -16.87
C PRO E 56 14.65 27.11 -18.28
N GLU E 57 13.52 26.49 -18.61
CA GLU E 57 13.27 25.94 -19.94
C GLU E 57 14.36 24.96 -20.35
N THR E 58 15.07 25.29 -21.44
CA THR E 58 16.07 24.38 -22.00
C THR E 58 17.16 24.00 -21.02
N ALA E 59 17.36 24.78 -19.96
CA ALA E 59 18.41 24.47 -18.99
C ALA E 59 18.07 23.22 -18.19
N THR E 60 16.90 23.20 -17.56
CA THR E 60 16.50 22.09 -16.72
C THR E 60 15.67 21.03 -17.45
N ASP E 61 15.21 21.29 -18.66
CA ASP E 61 14.42 20.34 -19.41
C ASP E 61 15.33 19.67 -20.44
N ARG E 62 15.71 18.43 -20.16
CA ARG E 62 16.63 17.65 -20.98
C ARG E 62 16.80 16.31 -20.29
N PHE E 63 17.30 15.33 -21.03
CA PHE E 63 17.43 13.98 -20.52
C PHE E 63 18.66 13.84 -19.64
N TYR E 64 18.45 13.37 -18.41
CA TYR E 64 19.53 13.08 -17.48
C TYR E 64 19.63 11.57 -17.36
N THR E 65 20.70 11.00 -17.89
CA THR E 65 20.88 9.56 -17.83
C THR E 65 21.42 9.14 -16.47
N LEU E 66 20.77 8.16 -15.87
CA LEU E 66 21.19 7.62 -14.57
C LEU E 66 22.19 6.49 -14.78
N LYS E 67 22.69 5.95 -13.68
CA LYS E 67 23.64 4.87 -13.75
C LYS E 67 22.94 3.57 -14.12
N SER E 68 23.50 2.87 -15.10
CA SER E 68 22.90 1.61 -15.55
C SER E 68 23.02 0.55 -14.46
N VAL E 69 22.01 -0.30 -14.39
CA VAL E 69 21.99 -1.44 -13.47
C VAL E 69 22.12 -2.72 -14.28
N LYS E 70 22.83 -3.71 -13.75
CA LYS E 70 22.91 -4.98 -14.43
C LYS E 70 21.61 -5.74 -14.31
N TRP E 71 21.20 -6.43 -15.37
CA TRP E 71 20.05 -7.31 -15.28
C TRP E 71 20.56 -8.74 -15.24
N GLU E 72 20.26 -9.43 -14.15
CA GLU E 72 20.68 -10.80 -13.94
C GLU E 72 19.51 -11.65 -13.48
N THR E 73 19.55 -12.92 -13.83
CA THR E 73 18.43 -13.84 -13.62
C THR E 73 17.79 -13.64 -12.24
N GLY E 74 18.61 -13.54 -11.20
CA GLY E 74 18.09 -13.43 -9.85
C GLY E 74 17.69 -12.02 -9.47
N SER E 75 17.53 -11.15 -10.45
CA SER E 75 17.19 -9.76 -10.20
C SER E 75 15.75 -9.65 -9.68
N THR E 76 15.57 -8.88 -8.61
CA THR E 76 14.25 -8.65 -8.04
C THR E 76 13.62 -7.34 -8.48
N GLY E 77 14.29 -6.54 -9.28
CA GLY E 77 13.71 -5.31 -9.77
C GLY E 77 14.35 -4.07 -9.14
N TRP E 78 14.11 -2.94 -9.78
CA TRP E 78 14.71 -1.68 -9.39
C TRP E 78 13.68 -0.56 -9.38
N TRP E 79 13.85 0.40 -8.48
CA TRP E 79 12.95 1.53 -8.36
C TRP E 79 13.74 2.82 -8.17
N TRP E 80 13.23 3.90 -8.75
CA TRP E 80 13.81 5.24 -8.60
C TRP E 80 12.69 6.21 -8.27
N LYS E 81 12.90 7.05 -7.28
CA LYS E 81 11.91 8.05 -6.89
C LYS E 81 12.27 9.40 -7.47
N LEU E 82 11.23 10.10 -7.95
CA LEU E 82 11.41 11.41 -8.56
C LEU E 82 10.70 12.46 -7.72
N PRO E 83 11.23 13.69 -7.69
CA PRO E 83 12.46 14.25 -8.28
C PRO E 83 13.75 13.74 -7.66
N ASP E 84 13.64 13.07 -6.52
CA ASP E 84 14.78 12.72 -5.67
C ASP E 84 15.97 12.18 -6.44
N ALA E 85 15.73 11.37 -7.46
CA ALA E 85 16.83 10.86 -8.27
C ALA E 85 17.58 11.98 -8.98
N LEU E 86 16.87 13.06 -9.32
CA LEU E 86 17.45 14.13 -10.13
C LEU E 86 17.96 15.30 -9.30
N ASN E 87 17.83 15.26 -7.97
CA ASN E 87 18.11 16.45 -7.18
C ASN E 87 19.60 16.79 -7.12
N ASN E 88 20.48 15.83 -7.41
CA ASN E 88 21.92 16.05 -7.34
C ASN E 88 22.53 16.33 -8.71
N ILE E 89 21.72 16.36 -9.77
CA ILE E 89 22.23 16.29 -11.14
C ILE E 89 21.94 17.59 -11.86
N GLY E 90 22.96 18.15 -12.50
CA GLY E 90 22.88 19.26 -13.44
C GLY E 90 22.32 20.56 -12.86
N MET E 91 21.93 21.44 -13.76
CA MET E 91 21.28 22.69 -13.36
C MET E 91 19.90 22.48 -12.77
N PHE E 92 19.25 21.35 -13.06
CA PHE E 92 18.03 21.02 -12.35
C PHE E 92 18.30 20.76 -10.88
N GLY E 93 19.43 20.09 -10.59
CA GLY E 93 19.80 19.87 -9.21
C GLY E 93 20.19 21.13 -8.46
N GLN E 94 20.60 22.17 -9.18
CA GLN E 94 20.93 23.43 -8.53
C GLN E 94 19.68 24.25 -8.21
N ASN E 95 18.72 24.28 -9.15
CA ASN E 95 17.46 24.97 -8.87
C ASN E 95 16.70 24.32 -7.73
N VAL E 96 16.83 23.00 -7.58
CA VAL E 96 16.21 22.31 -6.45
C VAL E 96 16.78 22.80 -5.13
N GLN E 97 18.09 23.02 -5.07
CA GLN E 97 18.72 23.39 -3.81
C GLN E 97 18.50 24.85 -3.44
N HIS E 98 18.50 25.75 -4.43
CA HIS E 98 18.34 27.17 -4.15
C HIS E 98 16.89 27.59 -3.98
N HIS E 99 15.96 26.77 -4.45
CA HIS E 99 14.54 27.15 -4.52
C HIS E 99 13.65 26.31 -3.61
N TYR E 100 12.78 26.97 -2.86
CA TYR E 100 11.88 26.31 -1.92
C TYR E 100 10.85 25.37 -2.57
N LEU E 101 10.28 25.76 -3.69
CA LEU E 101 9.19 25.02 -4.32
C LEU E 101 9.56 24.65 -5.75
N TYR E 102 8.93 23.60 -6.27
CA TYR E 102 9.07 23.24 -7.66
C TYR E 102 7.76 22.67 -8.21
N ARG E 103 7.58 22.79 -9.51
CA ARG E 103 6.51 22.09 -10.22
C ARG E 103 7.01 21.67 -11.59
N SER E 104 6.92 20.38 -11.90
CA SER E 104 7.37 19.90 -13.21
C SER E 104 6.71 18.57 -13.53
N GLY E 105 6.68 18.27 -14.83
CA GLY E 105 6.38 16.94 -15.30
C GLY E 105 7.65 16.22 -15.69
N PHE E 106 7.54 14.93 -15.93
CA PHE E 106 8.70 14.11 -16.26
C PHE E 106 8.44 13.32 -17.54
N LEU E 107 9.53 12.99 -18.22
CA LEU E 107 9.48 12.16 -19.43
C LEU E 107 10.48 11.02 -19.21
N ILE E 108 9.98 9.81 -19.10
CA ILE E 108 10.79 8.65 -18.79
C ILE E 108 11.09 7.90 -20.08
N HIS E 109 12.34 7.48 -20.26
CA HIS E 109 12.71 6.60 -21.36
C HIS E 109 13.68 5.56 -20.83
N VAL E 110 13.33 4.28 -21.02
CA VAL E 110 14.12 3.17 -20.49
C VAL E 110 14.67 2.38 -21.67
N GLN E 111 15.99 2.12 -21.65
CA GLN E 111 16.66 1.40 -22.72
C GLN E 111 17.10 0.04 -22.21
N CYS E 112 16.60 -1.03 -22.84
CA CYS E 112 17.13 -2.36 -22.62
C CYS E 112 17.13 -3.09 -23.95
N ASN E 113 18.29 -3.62 -24.33
CA ASN E 113 18.40 -4.34 -25.59
C ASN E 113 19.02 -5.71 -25.35
N ALA E 114 18.71 -6.63 -26.26
CA ALA E 114 19.29 -7.97 -26.22
C ALA E 114 19.22 -8.54 -27.63
N THR E 115 20.00 -9.60 -27.84
CA THR E 115 19.97 -10.29 -29.13
C THR E 115 18.63 -10.98 -29.33
N LYS E 116 18.34 -11.31 -30.58
CA LYS E 116 17.10 -11.97 -30.94
C LYS E 116 17.00 -13.36 -30.32
N PHE E 117 18.08 -13.83 -29.72
CA PHE E 117 18.10 -15.11 -29.03
C PHE E 117 17.83 -15.00 -27.52
N HIS E 118 17.56 -13.79 -27.02
CA HIS E 118 17.23 -13.61 -25.61
C HIS E 118 15.73 -13.46 -25.42
N GLN E 119 15.24 -13.99 -24.31
CA GLN E 119 13.84 -13.86 -23.90
C GLN E 119 13.79 -13.14 -22.56
N GLY E 120 12.77 -12.30 -22.40
CA GLY E 120 12.59 -11.59 -21.14
C GLY E 120 11.51 -10.54 -21.30
N ALA E 121 11.06 -10.04 -20.16
CA ALA E 121 10.03 -9.00 -20.13
C ALA E 121 10.26 -8.09 -18.94
N LEU E 122 9.98 -6.81 -19.13
CA LEU E 122 10.09 -5.81 -18.08
C LEU E 122 8.78 -5.06 -17.98
N LEU E 123 8.25 -4.97 -16.76
CA LEU E 123 7.14 -4.06 -16.50
C LEU E 123 7.72 -2.75 -16.03
N VAL E 124 7.63 -1.71 -16.85
CA VAL E 124 8.12 -0.38 -16.52
C VAL E 124 6.90 0.47 -16.21
N VAL E 125 6.75 0.83 -14.94
CA VAL E 125 5.56 1.50 -14.45
C VAL E 125 5.97 2.64 -13.53
N ALA E 126 5.19 3.72 -13.57
CA ALA E 126 5.41 4.88 -12.70
C ALA E 126 4.28 4.92 -11.68
N ILE E 127 4.60 4.63 -10.43
CA ILE E 127 3.61 4.52 -9.36
C ILE E 127 3.44 5.90 -8.74
N PRO E 128 2.29 6.56 -8.91
CA PRO E 128 2.07 7.83 -8.22
C PRO E 128 1.92 7.63 -6.71
N GLU E 129 2.66 8.42 -5.95
CA GLU E 129 2.61 8.41 -4.49
C GLU E 129 2.77 6.99 -3.93
N HIS E 130 3.99 6.46 -4.10
CA HIS E 130 4.26 5.09 -3.69
C HIS E 130 4.79 5.11 -2.26
N GLN E 131 4.00 4.60 -1.33
CA GLN E 131 4.38 4.52 0.07
C GLN E 131 4.88 3.11 0.34
N ARG E 132 6.17 2.98 0.61
CA ARG E 132 6.78 1.67 0.83
C ARG E 132 6.53 1.18 2.24
N GLY E 133 6.43 -0.14 2.37
CA GLY E 133 6.26 -0.79 3.66
C GLY E 133 7.53 -1.47 4.13
N ALA E 134 7.34 -2.41 5.05
CA ALA E 134 8.43 -3.23 5.56
C ALA E 134 7.89 -4.59 5.94
N HIS E 135 8.70 -5.62 5.72
CA HIS E 135 8.28 -7.00 5.90
C HIS E 135 8.43 -7.44 7.35
N ASN E 136 7.32 -7.90 7.94
CA ASN E 136 7.34 -8.57 9.24
C ASN E 136 7.88 -7.66 10.35
N THR E 137 7.50 -6.38 10.29
CA THR E 137 7.84 -5.46 11.37
C THR E 137 6.83 -4.32 11.37
N ASN E 138 6.64 -3.71 12.55
CA ASN E 138 5.72 -2.61 12.71
C ASN E 138 6.40 -1.24 12.61
N THR E 139 7.69 -1.21 12.33
CA THR E 139 8.47 0.02 12.33
C THR E 139 8.39 0.68 10.96
N SER E 140 8.15 1.99 10.96
CA SER E 140 8.07 2.72 9.69
C SER E 140 9.46 2.78 9.06
N PRO E 141 9.56 2.79 7.73
CA PRO E 141 10.88 2.90 7.08
C PRO E 141 11.55 4.22 7.43
N GLY E 142 12.88 4.21 7.35
CA GLY E 142 13.67 5.37 7.70
C GLY E 142 13.84 6.34 6.54
N PHE E 143 14.55 7.43 6.80
CA PHE E 143 14.90 8.42 5.77
C PHE E 143 15.85 7.97 4.66
N ASP E 144 16.91 7.24 5.02
CA ASP E 144 17.85 6.71 4.05
C ASP E 144 17.33 5.46 3.34
N ASP E 145 16.39 4.74 3.94
CA ASP E 145 15.74 3.63 3.25
C ASP E 145 14.89 4.15 2.09
N ILE E 146 14.14 5.22 2.32
CA ILE E 146 13.25 5.74 1.29
C ILE E 146 14.01 6.57 0.26
N MET E 147 14.97 7.38 0.72
CA MET E 147 15.63 8.35 -0.16
C MET E 147 16.97 7.74 -0.55
N LYS E 148 17.07 7.26 -1.79
CA LYS E 148 18.28 6.64 -2.30
C LYS E 148 19.12 7.56 -3.17
N GLY E 149 18.63 8.77 -3.47
CA GLY E 149 19.36 9.63 -4.38
C GLY E 149 19.37 9.07 -5.79
N GLU E 150 20.51 9.19 -6.46
CA GLU E 150 20.64 8.79 -7.85
C GLU E 150 20.78 7.28 -8.02
N GLU E 151 21.36 6.59 -7.05
CA GLU E 151 21.59 5.15 -7.18
C GLU E 151 20.27 4.40 -7.34
N GLY E 152 19.28 4.73 -6.53
CA GLY E 152 18.02 4.01 -6.55
C GLY E 152 18.09 2.75 -5.73
N GLY E 153 16.94 2.16 -5.42
CA GLY E 153 16.86 1.00 -4.58
C GLY E 153 16.52 -0.28 -5.35
N THR E 154 16.19 -1.31 -4.58
CA THR E 154 15.86 -2.62 -5.10
C THR E 154 14.69 -3.19 -4.32
N PHE E 155 13.73 -3.79 -5.03
CA PHE E 155 12.57 -4.39 -4.38
C PHE E 155 13.00 -5.54 -3.48
N ASN E 156 12.51 -5.53 -2.24
CA ASN E 156 12.67 -6.69 -1.38
C ASN E 156 11.70 -7.79 -1.76
N HIS E 157 10.44 -7.41 -2.01
CA HIS E 157 9.41 -8.36 -2.43
C HIS E 157 8.62 -7.68 -3.56
N PRO E 158 9.10 -7.77 -4.79
CA PRO E 158 8.39 -7.12 -5.90
C PRO E 158 7.04 -7.74 -6.19
N TYR E 159 6.79 -8.96 -5.71
CA TYR E 159 5.51 -9.61 -5.93
C TYR E 159 4.37 -8.81 -5.31
N VAL E 160 4.60 -8.22 -4.13
CA VAL E 160 3.62 -7.37 -3.47
C VAL E 160 3.87 -5.89 -3.71
N LEU E 161 4.88 -5.54 -4.51
CA LEU E 161 5.30 -4.15 -4.75
C LEU E 161 5.75 -3.45 -3.48
N ASP E 162 6.13 -4.22 -2.45
CA ASP E 162 6.71 -3.71 -1.21
C ASP E 162 5.73 -2.87 -0.40
N ASP E 163 4.62 -2.47 -0.99
CA ASP E 163 3.58 -1.72 -0.29
C ASP E 163 2.43 -2.59 0.18
N GLY E 164 2.48 -3.90 -0.06
CA GLY E 164 1.40 -4.79 0.30
C GLY E 164 0.32 -4.94 -0.75
N THR E 165 0.38 -4.19 -1.84
CA THR E 165 -0.60 -4.31 -2.91
C THR E 165 -0.22 -5.47 -3.82
N SER E 166 -0.86 -5.57 -4.98
CA SER E 166 -0.61 -6.65 -5.92
C SER E 166 0.14 -6.13 -7.14
N LEU E 167 1.16 -6.88 -7.54
CA LEU E 167 1.85 -6.60 -8.80
C LEU E 167 0.97 -6.88 -10.01
N ALA E 168 0.02 -7.81 -9.88
CA ALA E 168 -0.86 -8.14 -11.00
C ALA E 168 -1.69 -6.94 -11.42
N CYS E 169 -2.09 -6.11 -10.45
CA CYS E 169 -2.91 -4.95 -10.73
C CYS E 169 -2.09 -3.70 -11.01
N ALA E 170 -0.76 -3.80 -11.06
CA ALA E 170 0.08 -2.63 -11.29
C ALA E 170 -0.16 -1.98 -12.65
N THR E 171 -0.90 -2.64 -13.54
CA THR E 171 -1.22 -2.07 -14.85
C THR E 171 -2.22 -0.92 -14.76
N ILE E 172 -2.84 -0.70 -13.61
CA ILE E 172 -3.74 0.43 -13.47
C ILE E 172 -2.98 1.75 -13.48
N PHE E 173 -1.70 1.72 -13.14
CA PHE E 173 -0.81 2.87 -13.20
C PHE E 173 -0.28 3.04 -14.62
N PRO E 174 0.18 4.24 -14.96
CA PRO E 174 0.83 4.43 -16.26
C PRO E 174 2.03 3.52 -16.41
N HIS E 175 2.07 2.78 -17.51
CA HIS E 175 3.09 1.75 -17.67
C HIS E 175 3.27 1.45 -19.14
N GLN E 176 4.42 0.87 -19.44
CA GLN E 176 4.64 0.11 -20.65
C GLN E 176 5.37 -1.20 -20.34
N TRP E 177 5.64 -1.97 -21.39
CA TRP E 177 6.44 -3.17 -21.26
C TRP E 177 7.68 -3.04 -22.13
N ILE E 178 8.74 -3.69 -21.71
CA ILE E 178 9.86 -3.99 -22.59
C ILE E 178 9.87 -5.50 -22.76
N ASN E 179 9.44 -5.97 -23.92
CA ASN E 179 9.48 -7.38 -24.27
C ASN E 179 10.63 -7.56 -25.25
N LEU E 180 11.66 -8.31 -24.84
CA LEU E 180 12.87 -8.42 -25.65
C LEU E 180 12.59 -8.89 -27.06
N ARG E 181 11.45 -9.53 -27.30
CA ARG E 181 11.06 -9.87 -28.65
C ARG E 181 10.49 -8.65 -29.39
N THR E 182 9.57 -7.93 -28.75
CA THR E 182 8.82 -6.90 -29.46
C THR E 182 9.60 -5.60 -29.61
N ASN E 183 10.16 -5.06 -28.52
CA ASN E 183 10.73 -3.72 -28.56
C ASN E 183 11.84 -3.60 -27.53
N ASN E 184 12.78 -2.69 -27.80
CA ASN E 184 13.94 -2.48 -26.95
C ASN E 184 13.81 -1.27 -26.01
N SER E 185 12.67 -0.59 -26.00
CA SER E 185 12.55 0.60 -25.17
C SER E 185 11.09 0.85 -24.79
N ALA E 186 10.91 1.59 -23.70
CA ALA E 186 9.60 1.98 -23.21
C ALA E 186 9.65 3.42 -22.73
N THR E 187 8.69 4.23 -23.16
CA THR E 187 8.67 5.66 -22.86
C THR E 187 7.35 6.02 -22.17
N ILE E 188 7.45 6.78 -21.09
CA ILE E 188 6.29 7.24 -20.33
C ILE E 188 6.42 8.74 -20.10
N VAL E 189 5.32 9.46 -20.29
CA VAL E 189 5.28 10.91 -20.13
C VAL E 189 4.38 11.21 -18.94
N LEU E 190 4.96 11.75 -17.86
CA LEU E 190 4.26 11.98 -16.61
C LEU E 190 3.98 13.46 -16.42
N PRO E 191 2.74 13.85 -16.20
CA PRO E 191 2.43 15.23 -15.82
C PRO E 191 2.71 15.44 -14.34
N TRP E 192 2.44 16.66 -13.88
CA TRP E 192 2.54 16.95 -12.46
C TRP E 192 1.39 16.27 -11.73
N MET E 193 1.75 15.37 -10.82
CA MET E 193 0.79 14.73 -9.96
C MET E 193 1.06 15.27 -8.57
N ASN E 194 0.04 15.88 -7.98
CA ASN E 194 0.10 16.21 -6.56
C ASN E 194 -1.24 16.82 -6.17
N ALA E 195 -1.51 16.86 -4.87
CA ALA E 195 -2.66 17.59 -4.37
C ALA E 195 -2.37 19.09 -4.30
N ALA E 196 -1.13 19.47 -4.00
CA ALA E 196 -0.72 20.86 -3.98
C ALA E 196 -0.23 21.29 -5.36
N PRO E 197 -0.38 22.56 -5.71
CA PRO E 197 0.16 23.02 -7.00
C PRO E 197 1.66 22.99 -7.08
N MET E 198 2.37 23.30 -5.99
CA MET E 198 3.81 23.17 -5.94
C MET E 198 4.16 22.37 -4.70
N ASP E 199 5.46 22.09 -4.52
CA ASP E 199 5.85 21.15 -3.48
C ASP E 199 7.30 21.37 -3.12
N PHE E 200 7.67 20.92 -1.91
CA PHE E 200 9.03 21.03 -1.43
C PHE E 200 9.86 19.89 -1.99
N PRO E 201 10.97 20.14 -2.68
CA PRO E 201 11.62 19.08 -3.46
C PRO E 201 12.20 17.95 -2.63
N LEU E 202 12.88 18.32 -1.55
CA LEU E 202 13.69 17.39 -0.76
C LEU E 202 12.97 16.26 -0.03
N ARG E 203 11.82 16.57 0.58
CA ARG E 203 11.10 15.59 1.39
C ARG E 203 10.12 14.73 0.60
N HIS E 204 9.34 15.32 -0.30
CA HIS E 204 8.24 14.63 -0.96
C HIS E 204 8.63 14.18 -2.35
N ASN E 205 8.21 12.96 -2.71
CA ASN E 205 8.44 12.38 -4.03
C ASN E 205 7.08 12.02 -4.63
N GLN E 206 6.76 12.62 -5.78
CA GLN E 206 5.46 12.40 -6.41
C GLN E 206 5.38 11.10 -7.19
N TRP E 207 6.49 10.62 -7.73
CA TRP E 207 6.47 9.45 -8.60
C TRP E 207 7.55 8.47 -8.19
N THR E 208 7.29 7.19 -8.38
CA THR E 208 8.27 6.13 -8.19
C THR E 208 8.32 5.26 -9.45
N LEU E 209 9.45 5.28 -10.13
CA LEU E 209 9.65 4.54 -11.37
C LEU E 209 10.15 3.14 -11.04
N ALA E 210 9.42 2.12 -11.49
CA ALA E 210 9.75 0.75 -11.21
C ALA E 210 10.04 -0.02 -12.49
N ILE E 211 11.04 -0.90 -12.44
CA ILE E 211 11.37 -1.80 -13.54
C ILE E 211 11.40 -3.20 -12.94
N ILE E 212 10.42 -4.01 -13.28
CA ILE E 212 10.25 -5.29 -12.62
C ILE E 212 10.43 -6.43 -13.59
N PRO E 213 11.28 -7.38 -13.23
CA PRO E 213 11.46 -8.60 -14.03
C PRO E 213 10.30 -9.57 -13.96
N VAL E 214 9.19 -9.28 -14.65
CA VAL E 214 8.06 -10.19 -14.65
C VAL E 214 8.47 -11.54 -15.20
N VAL E 215 9.11 -11.55 -16.36
CA VAL E 215 9.65 -12.77 -16.97
C VAL E 215 11.17 -12.70 -16.87
N PRO E 216 11.81 -13.68 -16.26
CA PRO E 216 13.27 -13.59 -16.04
C PRO E 216 14.05 -13.70 -17.33
N LEU E 217 15.29 -13.23 -17.28
CA LEU E 217 16.23 -13.38 -18.38
C LEU E 217 16.68 -14.82 -18.52
N GLY E 218 16.91 -15.26 -19.75
CA GLY E 218 17.62 -16.51 -19.99
C GLY E 218 17.92 -16.68 -21.46
N THR E 219 18.99 -17.42 -21.73
CA THR E 219 19.38 -17.78 -23.09
C THR E 219 20.35 -18.95 -23.01
N ARG E 220 20.50 -19.67 -24.13
CA ARG E 220 21.56 -20.65 -24.26
C ARG E 220 22.77 -20.12 -25.02
N THR E 221 22.73 -18.88 -25.50
CA THR E 221 23.91 -18.26 -26.06
C THR E 221 24.89 -17.89 -24.95
N THR E 222 26.14 -17.63 -25.34
CA THR E 222 27.17 -17.25 -24.39
C THR E 222 26.72 -16.07 -23.55
N SER E 223 26.88 -16.19 -22.23
CA SER E 223 26.36 -15.19 -21.31
C SER E 223 27.06 -13.84 -21.51
N SER E 224 26.27 -12.78 -21.44
CA SER E 224 26.77 -11.42 -21.58
C SER E 224 26.06 -10.53 -20.57
N MET E 225 26.61 -9.33 -20.39
CA MET E 225 26.01 -8.36 -19.49
C MET E 225 24.92 -7.59 -20.22
N VAL E 226 23.75 -7.49 -19.61
CA VAL E 226 22.64 -6.72 -20.14
C VAL E 226 22.37 -5.55 -19.20
N PRO E 227 22.72 -4.33 -19.60
CA PRO E 227 22.39 -3.17 -18.79
C PRO E 227 20.94 -2.73 -18.98
N ILE E 228 20.45 -1.98 -17.99
CA ILE E 228 19.17 -1.30 -18.07
C ILE E 228 19.42 0.17 -17.78
N THR E 229 19.21 1.01 -18.77
CA THR E 229 19.49 2.44 -18.67
C THR E 229 18.19 3.24 -18.65
N VAL E 230 18.15 4.25 -17.79
CA VAL E 230 16.98 5.12 -17.66
C VAL E 230 17.42 6.57 -17.86
N SER E 231 16.79 7.24 -18.82
CA SER E 231 17.05 8.66 -19.09
C SER E 231 15.79 9.43 -18.76
N ILE E 232 15.89 10.34 -17.78
CA ILE E 232 14.75 11.06 -17.24
C ILE E 232 14.89 12.53 -17.60
N ALA E 233 13.86 13.08 -18.24
CA ALA E 233 13.85 14.47 -18.66
C ALA E 233 12.74 15.23 -17.94
N PRO E 234 13.07 16.18 -17.07
CA PRO E 234 12.03 17.06 -16.53
C PRO E 234 11.41 17.91 -17.62
N MET E 235 10.19 18.34 -17.38
CA MET E 235 9.45 19.12 -18.36
C MET E 235 8.64 20.20 -17.67
N CYS E 236 8.66 21.41 -18.24
CA CYS E 236 7.89 22.55 -17.73
C CYS E 236 8.20 22.81 -16.27
N CYS E 237 9.48 22.89 -15.95
CA CYS E 237 9.90 23.12 -14.57
C CYS E 237 9.60 24.55 -14.15
N GLU E 238 9.19 24.69 -12.90
CA GLU E 238 9.10 25.98 -12.24
C GLU E 238 9.64 25.90 -10.82
N PHE E 239 10.12 27.03 -10.31
CA PHE E 239 10.75 27.06 -9.00
C PHE E 239 10.38 28.36 -8.30
N ASN E 240 10.20 28.29 -6.98
CA ASN E 240 9.85 29.44 -6.17
C ASN E 240 10.66 29.41 -4.88
N GLY E 241 10.62 30.52 -4.15
CA GLY E 241 11.30 30.61 -2.89
C GLY E 241 12.80 30.60 -3.02
N LEU E 242 13.34 31.53 -3.81
CA LEU E 242 14.78 31.61 -4.00
C LEU E 242 15.46 32.01 -2.70
N ARG E 243 16.47 31.23 -2.31
CA ARG E 243 17.23 31.49 -1.10
C ARG E 243 18.60 30.84 -1.27
N HIS E 244 19.37 30.77 -0.19
CA HIS E 244 20.63 30.06 -0.20
C HIS E 244 20.39 28.56 -0.38
N ALA E 245 21.44 27.86 -0.81
CA ALA E 245 21.33 26.44 -1.11
C ALA E 245 21.29 25.64 0.20
N ILE E 246 20.22 24.87 0.39
CA ILE E 246 20.11 24.05 1.59
C ILE E 246 20.88 22.75 1.42
N THR E 247 20.93 22.21 0.20
CA THR E 247 21.58 20.94 -0.16
C THR E 247 21.54 19.88 0.95
N ASN F 27 -35.97 12.89 -4.60
CA ASN F 27 -36.07 14.29 -4.21
C ASN F 27 -35.13 14.66 -3.07
N GLN F 28 -34.69 15.91 -3.05
CA GLN F 28 -33.80 16.37 -1.98
C GLN F 28 -34.50 17.39 -1.09
N ILE F 29 -34.09 17.44 0.16
CA ILE F 29 -34.50 18.53 1.06
C ILE F 29 -33.29 18.97 1.88
N ASN F 30 -32.87 20.22 1.69
CA ASN F 30 -31.79 20.82 2.49
C ASN F 30 -32.24 22.21 2.91
N PHE F 31 -32.45 22.39 4.21
CA PHE F 31 -32.70 23.71 4.79
C PHE F 31 -31.48 24.32 5.44
N TYR F 32 -30.33 23.65 5.38
CA TYR F 32 -29.11 24.19 5.96
C TYR F 32 -28.50 25.24 5.03
N LYS F 33 -27.74 26.15 5.63
CA LYS F 33 -27.17 27.27 4.89
C LYS F 33 -25.93 26.88 4.10
N ASP F 34 -25.06 26.07 4.69
CA ASP F 34 -23.82 25.69 4.02
C ASP F 34 -24.08 24.65 2.94
N SER F 35 -23.41 24.81 1.81
CA SER F 35 -23.63 23.95 0.65
C SER F 35 -23.06 22.55 0.82
N TYR F 36 -22.08 22.36 1.69
CA TYR F 36 -21.54 21.02 1.90
C TYR F 36 -22.42 20.17 2.80
N ALA F 37 -23.40 20.78 3.47
CA ALA F 37 -24.33 20.02 4.31
C ALA F 37 -25.33 19.21 3.50
N ALA F 38 -25.39 19.43 2.20
CA ALA F 38 -26.38 18.77 1.35
C ALA F 38 -26.12 17.28 1.25
N SER F 39 -27.16 16.55 0.85
CA SER F 39 -27.07 15.11 0.71
C SER F 39 -26.17 14.73 -0.47
N ALA F 40 -25.72 13.47 -0.45
CA ALA F 40 -24.81 12.98 -1.47
C ALA F 40 -25.42 13.09 -2.86
N SER F 41 -24.62 13.54 -3.83
CA SER F 41 -25.06 13.75 -5.20
C SER F 41 -24.52 12.61 -6.06
N LYS F 42 -25.43 11.72 -6.48
CA LYS F 42 -25.08 10.51 -7.21
C LYS F 42 -25.28 10.65 -8.72
N GLN F 43 -25.59 11.84 -9.20
CA GLN F 43 -26.12 12.03 -10.55
C GLN F 43 -25.06 12.15 -11.64
N ASP F 44 -23.78 12.02 -11.33
CA ASP F 44 -22.73 12.25 -12.32
C ASP F 44 -22.37 10.93 -12.99
N PHE F 45 -22.77 10.77 -14.25
CA PHE F 45 -22.54 9.56 -15.02
C PHE F 45 -21.37 9.66 -15.99
N SER F 46 -20.69 10.80 -16.05
CA SER F 46 -19.64 10.97 -17.05
C SER F 46 -18.48 10.02 -16.80
N GLN F 47 -18.07 9.33 -17.86
CA GLN F 47 -16.93 8.43 -17.82
C GLN F 47 -15.89 8.87 -18.86
N ASP F 48 -14.64 8.51 -18.61
CA ASP F 48 -13.58 8.63 -19.60
C ASP F 48 -12.66 7.43 -19.45
N PRO F 49 -13.08 6.27 -19.95
CA PRO F 49 -12.22 5.07 -19.82
C PRO F 49 -10.98 5.16 -20.68
N SER F 50 -10.97 6.03 -21.69
CA SER F 50 -9.86 6.09 -22.64
C SER F 50 -8.56 6.55 -21.99
N LYS F 51 -8.63 7.24 -20.84
CA LYS F 51 -7.39 7.65 -20.20
C LYS F 51 -6.67 6.48 -19.55
N PHE F 52 -7.40 5.55 -18.95
CA PHE F 52 -6.80 4.36 -18.37
C PHE F 52 -6.59 3.26 -19.40
N THR F 53 -7.56 3.03 -20.28
CA THR F 53 -7.48 1.94 -21.24
C THR F 53 -6.61 2.27 -22.43
N GLU F 54 -6.62 3.52 -22.89
CA GLU F 54 -5.87 3.93 -24.08
C GLU F 54 -4.99 5.13 -23.78
N PRO F 55 -3.96 4.97 -22.87
CA PRO F 55 -3.08 6.09 -22.51
C PRO F 55 -1.89 6.23 -23.46
N VAL F 56 -2.18 6.30 -24.76
CA VAL F 56 -1.16 6.36 -25.79
C VAL F 56 -1.37 7.61 -26.64
N VAL F 57 -0.29 8.09 -27.25
CA VAL F 57 -0.39 9.31 -28.05
C VAL F 57 -0.99 9.03 -29.41
N GLU F 58 -0.79 7.83 -29.95
CA GLU F 58 -1.35 7.43 -31.23
C GLU F 58 -2.51 6.47 -30.97
N GLY F 59 -3.72 6.91 -31.28
CA GLY F 59 -4.89 6.09 -31.03
C GLY F 59 -4.85 4.80 -31.83
N LEU F 60 -5.37 3.74 -31.23
CA LEU F 60 -5.40 2.43 -31.86
C LEU F 60 -6.54 2.33 -32.85
N LYS F 61 -6.32 1.60 -33.93
CA LYS F 61 -7.35 1.37 -34.93
C LYS F 61 -8.03 0.04 -34.66
N ALA F 62 -9.34 -0.01 -34.90
CA ALA F 62 -10.13 -1.21 -34.66
C ALA F 62 -9.67 -2.36 -35.56
N ALA F 64 -6.44 -4.04 -37.56
CA ALA F 64 -5.37 -3.17 -38.04
C ALA F 64 -4.13 -3.30 -37.18
N PRO F 65 -3.04 -3.80 -37.75
CA PRO F 65 -1.80 -3.94 -36.98
C PRO F 65 -1.28 -2.60 -36.50
N VAL F 66 -0.99 -2.52 -35.20
CA VAL F 66 -0.47 -1.28 -34.64
C VAL F 66 1.03 -1.14 -34.90
N LEU F 67 1.76 -2.25 -34.84
CA LEU F 67 3.22 -2.20 -34.94
C LEU F 67 3.68 -2.39 -36.38
#